data_2EPR
#
_entry.id   2EPR
#
loop_
_entity.id
_entity.type
_entity.pdbx_description
1 polymer 'POZ-, AT hook-, and zinc finger-containing protein 1'
2 non-polymer 'ZINC ION'
#
_entity_poly.entity_id   1
_entity_poly.type   'polypeptide(L)'
_entity_poly.pdbx_seq_one_letter_code
;GSSGSSGRTRKQVACEICGKIFRDVYHLNRHKLSHSGEKPYSSGPSSG
;
_entity_poly.pdbx_strand_id   A
#
# COMPACT_ATOMS: atom_id res chain seq x y z
N GLY A 1 0.30 -6.45 28.25
CA GLY A 1 -0.25 -7.78 28.41
C GLY A 1 -0.21 -8.59 27.13
N SER A 2 0.94 -9.20 26.85
CA SER A 2 1.09 -10.00 25.64
C SER A 2 2.38 -10.83 25.70
N SER A 3 2.31 -12.04 25.16
CA SER A 3 3.46 -12.93 25.15
C SER A 3 4.53 -12.45 24.17
N GLY A 4 4.14 -12.34 22.90
CA GLY A 4 5.07 -11.89 21.88
C GLY A 4 5.92 -13.03 21.34
N SER A 5 5.29 -14.15 21.04
CA SER A 5 5.99 -15.31 20.52
C SER A 5 5.45 -15.70 19.14
N SER A 6 4.16 -16.01 19.09
CA SER A 6 3.52 -16.41 17.83
C SER A 6 2.65 -15.28 17.30
N GLY A 7 2.23 -15.42 16.05
CA GLY A 7 1.39 -14.41 15.43
C GLY A 7 1.29 -14.56 13.93
N ARG A 8 0.67 -13.60 13.27
CA ARG A 8 0.51 -13.64 11.82
C ARG A 8 1.65 -12.90 11.13
N THR A 9 2.62 -13.66 10.61
CA THR A 9 3.76 -13.09 9.93
C THR A 9 3.33 -12.35 8.66
N ARG A 10 3.94 -11.19 8.42
CA ARG A 10 3.61 -10.39 7.24
C ARG A 10 4.51 -10.77 6.07
N LYS A 11 3.96 -11.54 5.14
CA LYS A 11 4.71 -11.97 3.96
C LYS A 11 3.90 -11.72 2.69
N GLN A 12 3.02 -10.74 2.73
CA GLN A 12 2.19 -10.41 1.58
C GLN A 12 1.92 -8.90 1.53
N VAL A 13 1.18 -8.48 0.50
CA VAL A 13 0.85 -7.07 0.33
C VAL A 13 -0.63 -6.82 0.58
N ALA A 14 -0.94 -5.67 1.18
CA ALA A 14 -2.33 -5.30 1.47
C ALA A 14 -2.58 -3.84 1.16
N CYS A 15 -3.45 -3.59 0.18
CA CYS A 15 -3.79 -2.24 -0.23
C CYS A 15 -4.77 -1.60 0.76
N GLU A 16 -4.31 -0.55 1.44
CA GLU A 16 -5.15 0.14 2.41
C GLU A 16 -6.05 1.16 1.73
N ILE A 17 -5.62 1.65 0.57
CA ILE A 17 -6.39 2.62 -0.19
C ILE A 17 -7.81 2.15 -0.40
N CYS A 18 -7.96 0.95 -0.96
CA CYS A 18 -9.27 0.38 -1.22
C CYS A 18 -9.59 -0.74 -0.22
N GLY A 19 -8.56 -1.47 0.19
CA GLY A 19 -8.75 -2.55 1.14
C GLY A 19 -8.77 -3.92 0.47
N LYS A 20 -7.63 -4.34 -0.04
CA LYS A 20 -7.51 -5.64 -0.71
C LYS A 20 -6.19 -6.32 -0.36
N ILE A 21 -6.08 -7.59 -0.72
CA ILE A 21 -4.88 -8.36 -0.44
C ILE A 21 -4.24 -8.86 -1.73
N PHE A 22 -2.91 -8.90 -1.76
CA PHE A 22 -2.18 -9.37 -2.93
C PHE A 22 -1.01 -10.25 -2.52
N ARG A 23 -0.42 -10.92 -3.51
CA ARG A 23 0.72 -11.81 -3.25
C ARG A 23 1.99 -11.00 -2.98
N ASP A 24 2.42 -10.23 -3.96
CA ASP A 24 3.62 -9.41 -3.82
C ASP A 24 3.41 -8.04 -4.45
N VAL A 25 4.39 -7.15 -4.25
CA VAL A 25 4.31 -5.80 -4.79
C VAL A 25 4.19 -5.81 -6.31
N TYR A 26 4.77 -6.84 -6.94
CA TYR A 26 4.72 -6.98 -8.38
C TYR A 26 3.28 -6.93 -8.89
N HIS A 27 2.35 -7.39 -8.06
CA HIS A 27 0.94 -7.40 -8.43
C HIS A 27 0.28 -6.07 -8.06
N LEU A 28 0.70 -5.50 -6.94
CA LEU A 28 0.15 -4.23 -6.47
C LEU A 28 0.54 -3.09 -7.42
N ASN A 29 1.67 -3.24 -8.07
CA ASN A 29 2.15 -2.22 -9.01
C ASN A 29 1.11 -1.95 -10.10
N ARG A 30 0.53 -3.01 -10.64
CA ARG A 30 -0.48 -2.89 -11.68
C ARG A 30 -1.81 -2.42 -11.09
N HIS A 31 -2.02 -2.70 -9.82
CA HIS A 31 -3.26 -2.31 -9.14
C HIS A 31 -3.23 -0.81 -8.82
N LYS A 32 -2.06 -0.30 -8.47
CA LYS A 32 -1.91 1.11 -8.14
C LYS A 32 -2.42 2.00 -9.27
N LEU A 33 -2.38 1.47 -10.48
CA LEU A 33 -2.85 2.21 -11.66
C LEU A 33 -4.26 2.75 -11.43
N SER A 34 -5.15 1.89 -10.94
CA SER A 34 -6.53 2.28 -10.67
C SER A 34 -6.59 3.45 -9.69
N HIS A 35 -5.60 3.50 -8.80
CA HIS A 35 -5.55 4.57 -7.80
C HIS A 35 -4.74 5.76 -8.31
N SER A 36 -4.55 6.76 -7.47
CA SER A 36 -3.81 7.96 -7.84
C SER A 36 -2.33 7.79 -7.53
N GLY A 37 -1.49 8.51 -8.28
CA GLY A 37 -0.05 8.43 -8.07
C GLY A 37 0.45 9.48 -7.10
N GLU A 38 -0.20 10.63 -7.09
CA GLU A 38 0.20 11.72 -6.20
C GLU A 38 -0.99 12.21 -5.36
N LYS A 39 -0.84 12.16 -4.05
CA LYS A 39 -1.89 12.60 -3.15
C LYS A 39 -1.37 13.63 -2.15
N PRO A 40 -1.09 14.84 -2.65
CA PRO A 40 -0.57 15.93 -1.82
C PRO A 40 -1.63 16.46 -0.86
N TYR A 41 -1.30 16.47 0.43
CA TYR A 41 -2.22 16.95 1.45
C TYR A 41 -2.24 18.48 1.48
N SER A 42 -2.76 19.09 0.43
CA SER A 42 -2.83 20.54 0.34
C SER A 42 -3.84 21.10 1.33
N SER A 43 -4.86 20.30 1.63
CA SER A 43 -5.90 20.72 2.57
C SER A 43 -5.45 20.51 4.01
N GLY A 44 -4.43 21.26 4.42
CA GLY A 44 -3.92 21.15 5.78
C GLY A 44 -2.62 21.89 5.97
N PRO A 45 -2.69 23.23 5.96
CA PRO A 45 -1.52 24.09 6.14
C PRO A 45 -0.96 24.02 7.56
N SER A 46 0.36 24.14 7.67
CA SER A 46 1.01 24.10 8.97
C SER A 46 0.51 25.23 9.88
N SER A 47 0.94 25.21 11.13
CA SER A 47 0.53 26.22 12.10
C SER A 47 1.46 26.23 13.31
N GLY A 48 1.29 27.23 14.17
CA GLY A 48 2.12 27.32 15.36
C GLY A 48 1.84 26.22 16.36
N GLY A 1 10.62 -29.16 5.45
CA GLY A 1 10.69 -27.74 5.16
C GLY A 1 12.08 -27.18 5.31
N SER A 2 12.39 -26.13 4.54
CA SER A 2 13.71 -25.50 4.59
C SER A 2 13.63 -24.15 5.29
N SER A 3 14.09 -24.10 6.53
CA SER A 3 14.06 -22.87 7.31
C SER A 3 14.94 -21.81 6.66
N GLY A 4 14.45 -20.57 6.65
CA GLY A 4 15.20 -19.48 6.05
C GLY A 4 14.75 -18.12 6.56
N SER A 5 15.65 -17.15 6.51
CA SER A 5 15.34 -15.80 6.98
C SER A 5 15.29 -14.82 5.81
N SER A 6 15.02 -13.56 6.12
CA SER A 6 14.94 -12.53 5.09
C SER A 6 15.07 -11.14 5.71
N GLY A 7 14.99 -10.11 4.86
CA GLY A 7 15.11 -8.74 5.35
C GLY A 7 13.79 -8.20 5.88
N ARG A 8 12.82 -8.05 4.99
CA ARG A 8 11.51 -7.53 5.37
C ARG A 8 10.82 -8.46 6.36
N THR A 9 9.69 -8.03 6.90
CA THR A 9 8.94 -8.82 7.86
C THR A 9 7.58 -9.20 7.31
N ARG A 10 7.02 -8.36 6.45
CA ARG A 10 5.71 -8.63 5.86
C ARG A 10 5.79 -9.81 4.89
N LYS A 11 4.75 -10.63 4.90
CA LYS A 11 4.70 -11.80 4.03
C LYS A 11 4.00 -11.46 2.71
N GLN A 12 2.91 -10.70 2.81
CA GLN A 12 2.15 -10.31 1.62
C GLN A 12 1.85 -8.81 1.65
N VAL A 13 1.19 -8.33 0.59
CA VAL A 13 0.84 -6.93 0.50
C VAL A 13 -0.65 -6.71 0.77
N ALA A 14 -0.96 -5.66 1.54
CA ALA A 14 -2.33 -5.34 1.88
C ALA A 14 -2.67 -3.90 1.50
N CYS A 15 -3.29 -3.74 0.33
CA CYS A 15 -3.67 -2.42 -0.15
C CYS A 15 -4.63 -1.73 0.81
N GLU A 16 -4.16 -0.68 1.46
CA GLU A 16 -4.98 0.05 2.42
C GLU A 16 -5.87 1.07 1.71
N ILE A 17 -5.43 1.52 0.54
CA ILE A 17 -6.19 2.48 -0.24
C ILE A 17 -7.63 2.01 -0.45
N CYS A 18 -7.77 0.80 -1.00
CA CYS A 18 -9.10 0.24 -1.24
C CYS A 18 -9.44 -0.82 -0.20
N GLY A 19 -8.42 -1.50 0.30
CA GLY A 19 -8.64 -2.53 1.30
C GLY A 19 -8.70 -3.92 0.71
N LYS A 20 -7.61 -4.35 0.09
CA LYS A 20 -7.56 -5.67 -0.54
C LYS A 20 -6.20 -6.34 -0.26
N ILE A 21 -6.15 -7.65 -0.46
CA ILE A 21 -4.93 -8.41 -0.25
C ILE A 21 -4.32 -8.88 -1.56
N PHE A 22 -3.01 -8.80 -1.66
CA PHE A 22 -2.30 -9.21 -2.87
C PHE A 22 -1.18 -10.20 -2.53
N ARG A 23 -0.69 -10.89 -3.56
CA ARG A 23 0.38 -11.86 -3.37
C ARG A 23 1.72 -11.16 -3.14
N ASP A 24 2.00 -10.16 -3.95
CA ASP A 24 3.25 -9.41 -3.83
C ASP A 24 3.11 -8.02 -4.46
N VAL A 25 4.13 -7.19 -4.29
CA VAL A 25 4.12 -5.84 -4.84
C VAL A 25 4.12 -5.86 -6.36
N TYR A 26 4.71 -6.90 -6.95
CA TYR A 26 4.78 -7.04 -8.39
C TYR A 26 3.39 -6.92 -9.01
N HIS A 27 2.38 -7.34 -8.26
CA HIS A 27 1.00 -7.27 -8.73
C HIS A 27 0.32 -5.99 -8.27
N LEU A 28 0.79 -5.45 -7.15
CA LEU A 28 0.22 -4.22 -6.60
C LEU A 28 0.61 -3.02 -7.46
N ASN A 29 1.76 -3.12 -8.12
CA ASN A 29 2.25 -2.03 -8.98
C ASN A 29 1.21 -1.66 -10.03
N ARG A 30 0.64 -2.68 -10.68
CA ARG A 30 -0.37 -2.47 -11.71
C ARG A 30 -1.69 -2.04 -11.08
N HIS A 31 -1.93 -2.48 -9.86
CA HIS A 31 -3.17 -2.15 -9.15
C HIS A 31 -3.20 -0.68 -8.77
N LYS A 32 -2.06 -0.17 -8.27
CA LYS A 32 -1.96 1.22 -7.88
C LYS A 32 -2.33 2.15 -9.03
N LEU A 33 -2.13 1.67 -10.26
CA LEU A 33 -2.44 2.45 -11.45
C LEU A 33 -3.93 2.76 -11.53
N SER A 34 -4.75 1.75 -11.22
CA SER A 34 -6.20 1.90 -11.25
C SER A 34 -6.66 2.97 -10.27
N HIS A 35 -5.87 3.17 -9.21
CA HIS A 35 -6.21 4.16 -8.20
C HIS A 35 -5.87 5.56 -8.68
N SER A 36 -6.67 6.05 -9.62
CA SER A 36 -6.46 7.39 -10.18
C SER A 36 -7.78 8.16 -10.23
N GLY A 37 -7.69 9.47 -9.98
CA GLY A 37 -8.88 10.30 -10.00
C GLY A 37 -8.61 11.68 -10.58
N GLU A 38 -9.21 12.70 -9.97
CA GLU A 38 -9.03 14.07 -10.43
C GLU A 38 -7.72 14.66 -9.90
N LYS A 39 -7.43 15.89 -10.29
CA LYS A 39 -6.22 16.57 -9.85
C LYS A 39 -4.98 15.75 -10.21
N PRO A 40 -4.64 15.73 -11.51
CA PRO A 40 -3.48 14.99 -12.01
C PRO A 40 -2.16 15.61 -11.58
N TYR A 41 -2.17 16.93 -11.41
CA TYR A 41 -0.97 17.65 -10.99
C TYR A 41 -0.85 17.68 -9.48
N SER A 42 0.34 17.34 -8.98
CA SER A 42 0.58 17.33 -7.54
C SER A 42 1.01 18.70 -7.05
N SER A 43 1.04 18.88 -5.73
CA SER A 43 1.44 20.15 -5.13
C SER A 43 2.92 20.43 -5.36
N GLY A 44 3.29 21.70 -5.31
CA GLY A 44 4.67 22.08 -5.51
C GLY A 44 5.05 22.12 -6.98
N PRO A 45 6.28 22.60 -7.28
CA PRO A 45 6.78 22.70 -8.64
C PRO A 45 7.05 21.34 -9.27
N SER A 46 7.57 21.35 -10.49
CA SER A 46 7.87 20.12 -11.20
C SER A 46 9.37 19.81 -11.15
N SER A 47 9.70 18.55 -10.88
CA SER A 47 11.08 18.12 -10.80
C SER A 47 11.30 16.82 -11.56
N GLY A 48 12.16 16.87 -12.57
CA GLY A 48 12.45 15.68 -13.36
C GLY A 48 12.87 16.01 -14.77
N GLY A 1 16.22 -6.63 28.81
CA GLY A 1 16.97 -6.33 27.60
C GLY A 1 16.09 -6.39 26.36
N SER A 2 16.67 -6.84 25.25
CA SER A 2 15.94 -6.94 23.99
C SER A 2 16.34 -8.20 23.24
N SER A 3 15.33 -9.01 22.88
CA SER A 3 15.57 -10.24 22.16
C SER A 3 15.38 -10.05 20.65
N GLY A 4 15.53 -11.13 19.90
CA GLY A 4 15.37 -11.06 18.46
C GLY A 4 14.71 -12.29 17.88
N SER A 5 13.84 -12.08 16.89
CA SER A 5 13.13 -13.19 16.26
C SER A 5 13.24 -13.11 14.75
N SER A 6 14.46 -13.02 14.25
CA SER A 6 14.70 -12.92 12.81
C SER A 6 14.15 -14.15 12.09
N GLY A 7 13.94 -14.01 10.79
CA GLY A 7 13.42 -15.11 10.00
C GLY A 7 12.76 -14.65 8.72
N ARG A 8 13.29 -15.12 7.59
CA ARG A 8 12.74 -14.74 6.28
C ARG A 8 11.42 -15.45 6.02
N THR A 9 10.34 -14.88 6.55
CA THR A 9 9.01 -15.46 6.37
C THR A 9 8.31 -14.87 5.16
N ARG A 10 7.48 -15.68 4.51
CA ARG A 10 6.76 -15.23 3.32
C ARG A 10 5.80 -14.09 3.66
N LYS A 11 6.11 -12.91 3.15
CA LYS A 11 5.28 -11.73 3.40
C LYS A 11 4.36 -11.45 2.22
N GLN A 12 3.37 -10.60 2.44
CA GLN A 12 2.41 -10.25 1.39
C GLN A 12 2.09 -8.75 1.43
N VAL A 13 1.25 -8.31 0.48
CA VAL A 13 0.87 -6.91 0.41
C VAL A 13 -0.61 -6.72 0.75
N ALA A 14 -0.92 -5.62 1.42
CA ALA A 14 -2.30 -5.33 1.80
C ALA A 14 -2.66 -3.88 1.47
N CYS A 15 -3.30 -3.69 0.34
CA CYS A 15 -3.71 -2.36 -0.09
C CYS A 15 -4.69 -1.74 0.91
N GLU A 16 -4.24 -0.69 1.59
CA GLU A 16 -5.07 -0.01 2.58
C GLU A 16 -5.97 1.02 1.91
N ILE A 17 -5.52 1.53 0.76
CA ILE A 17 -6.29 2.52 0.02
C ILE A 17 -7.73 2.06 -0.20
N CYS A 18 -7.87 0.87 -0.78
CA CYS A 18 -9.19 0.30 -1.05
C CYS A 18 -9.51 -0.82 -0.07
N GLY A 19 -8.48 -1.57 0.32
CA GLY A 19 -8.68 -2.66 1.25
C GLY A 19 -8.70 -4.01 0.56
N LYS A 20 -7.52 -4.48 0.14
CA LYS A 20 -7.41 -5.77 -0.53
C LYS A 20 -6.07 -6.42 -0.22
N ILE A 21 -5.98 -7.72 -0.52
CA ILE A 21 -4.75 -8.47 -0.28
C ILE A 21 -4.13 -8.95 -1.58
N PHE A 22 -2.81 -8.77 -1.71
CA PHE A 22 -2.10 -9.18 -2.92
C PHE A 22 -0.93 -10.10 -2.57
N ARG A 23 -0.56 -10.96 -3.50
CA ARG A 23 0.55 -11.88 -3.30
C ARG A 23 1.86 -11.14 -3.09
N ASP A 24 2.23 -10.32 -4.08
CA ASP A 24 3.46 -9.55 -4.02
C ASP A 24 3.25 -8.14 -4.55
N VAL A 25 4.22 -7.27 -4.31
CA VAL A 25 4.14 -5.88 -4.76
C VAL A 25 3.95 -5.81 -6.27
N TYR A 26 4.39 -6.85 -6.97
CA TYR A 26 4.27 -6.92 -8.42
C TYR A 26 2.82 -6.74 -8.86
N HIS A 27 1.91 -7.39 -8.13
CA HIS A 27 0.48 -7.30 -8.44
C HIS A 27 -0.09 -5.97 -7.99
N LEU A 28 0.52 -5.38 -6.96
CA LEU A 28 0.06 -4.11 -6.43
C LEU A 28 0.49 -2.95 -7.34
N ASN A 29 1.60 -3.14 -8.05
CA ASN A 29 2.10 -2.13 -8.96
C ASN A 29 1.01 -1.68 -9.93
N ARG A 30 0.55 -2.61 -10.76
CA ARG A 30 -0.50 -2.31 -11.74
C ARG A 30 -1.78 -1.87 -11.05
N HIS A 31 -2.04 -2.45 -9.88
CA HIS A 31 -3.24 -2.11 -9.11
C HIS A 31 -3.21 -0.66 -8.67
N LYS A 32 -2.01 -0.14 -8.44
CA LYS A 32 -1.84 1.24 -8.00
C LYS A 32 -2.16 2.21 -9.14
N LEU A 33 -1.74 1.86 -10.35
CA LEU A 33 -1.99 2.69 -11.52
C LEU A 33 -3.49 2.84 -11.78
N SER A 34 -4.25 1.82 -11.41
CA SER A 34 -5.69 1.84 -11.60
C SER A 34 -6.36 2.83 -10.65
N HIS A 35 -5.74 3.03 -9.49
CA HIS A 35 -6.27 3.95 -8.49
C HIS A 35 -6.18 5.40 -8.97
N SER A 36 -6.69 6.32 -8.16
CA SER A 36 -6.68 7.74 -8.52
C SER A 36 -5.26 8.31 -8.40
N GLY A 37 -5.14 9.62 -8.62
CA GLY A 37 -3.85 10.27 -8.53
C GLY A 37 -3.75 11.19 -7.32
N GLU A 38 -4.32 10.76 -6.20
CA GLU A 38 -4.29 11.55 -4.98
C GLU A 38 -3.42 10.88 -3.92
N LYS A 39 -2.88 11.69 -3.02
CA LYS A 39 -2.01 11.19 -1.96
C LYS A 39 -2.39 11.81 -0.62
N PRO A 40 -3.53 11.40 -0.06
CA PRO A 40 -4.03 11.91 1.22
C PRO A 40 -3.17 11.44 2.40
N TYR A 41 -2.03 12.08 2.58
CA TYR A 41 -1.12 11.72 3.68
C TYR A 41 0.02 12.74 3.79
N SER A 42 0.12 13.37 4.97
CA SER A 42 1.15 14.36 5.21
C SER A 42 2.44 13.70 5.69
N SER A 43 3.53 13.96 4.98
CA SER A 43 4.83 13.38 5.33
C SER A 43 5.53 14.24 6.38
N GLY A 44 6.54 13.67 7.03
CA GLY A 44 7.29 14.39 8.04
C GLY A 44 7.67 13.52 9.21
N PRO A 45 8.65 12.62 9.00
CA PRO A 45 9.13 11.70 10.04
C PRO A 45 9.89 12.43 11.14
N SER A 46 10.47 11.65 12.05
CA SER A 46 11.23 12.23 13.16
C SER A 46 12.43 11.35 13.49
N SER A 47 13.34 11.89 14.30
CA SER A 47 14.54 11.16 14.70
C SER A 47 14.54 10.88 16.20
N GLY A 48 15.20 9.80 16.59
CA GLY A 48 15.26 9.43 17.99
C GLY A 48 16.59 9.77 18.62
N GLY A 1 6.14 -11.69 29.50
CA GLY A 1 7.09 -11.93 28.43
C GLY A 1 6.42 -12.27 27.12
N SER A 2 7.20 -12.66 26.13
CA SER A 2 6.67 -13.00 24.82
C SER A 2 7.75 -13.66 23.95
N SER A 3 7.48 -14.90 23.54
CA SER A 3 8.43 -15.64 22.71
C SER A 3 8.16 -15.39 21.23
N GLY A 4 9.23 -15.16 20.48
CA GLY A 4 9.09 -14.91 19.05
C GLY A 4 9.19 -16.18 18.23
N SER A 5 9.13 -16.03 16.91
CA SER A 5 9.22 -17.17 16.00
C SER A 5 10.58 -17.26 15.35
N SER A 6 10.91 -16.26 14.53
CA SER A 6 12.20 -16.22 13.84
C SER A 6 12.39 -17.46 12.98
N GLY A 7 11.34 -17.83 12.24
CA GLY A 7 11.40 -18.98 11.38
C GLY A 7 11.48 -18.62 9.91
N ARG A 8 11.03 -17.41 9.58
CA ARG A 8 11.05 -16.95 8.20
C ARG A 8 10.78 -15.45 8.14
N THR A 9 11.56 -14.75 7.31
CA THR A 9 11.41 -13.31 7.16
C THR A 9 10.75 -12.96 5.83
N ARG A 10 9.48 -12.60 5.87
CA ARG A 10 8.75 -12.25 4.67
C ARG A 10 7.39 -11.64 5.01
N LYS A 11 6.92 -10.73 4.17
CA LYS A 11 5.63 -10.07 4.38
C LYS A 11 4.85 -9.97 3.08
N GLN A 12 3.53 -9.93 3.19
CA GLN A 12 2.65 -9.84 2.03
C GLN A 12 2.27 -8.39 1.75
N VAL A 13 1.49 -8.19 0.69
CA VAL A 13 1.05 -6.85 0.31
C VAL A 13 -0.39 -6.61 0.73
N ALA A 14 -0.69 -5.39 1.14
CA ALA A 14 -2.04 -5.02 1.56
C ALA A 14 -2.39 -3.60 1.13
N CYS A 15 -3.37 -3.48 0.25
CA CYS A 15 -3.79 -2.18 -0.25
C CYS A 15 -4.82 -1.54 0.69
N GLU A 16 -4.41 -0.46 1.35
CA GLU A 16 -5.30 0.24 2.28
C GLU A 16 -6.26 1.16 1.54
N ILE A 17 -5.83 1.61 0.36
CA ILE A 17 -6.66 2.50 -0.45
C ILE A 17 -8.05 1.93 -0.66
N CYS A 18 -8.12 0.69 -1.14
CA CYS A 18 -9.40 0.03 -1.38
C CYS A 18 -9.66 -1.03 -0.32
N GLY A 19 -8.59 -1.68 0.15
CA GLY A 19 -8.74 -2.71 1.16
C GLY A 19 -8.68 -4.11 0.58
N LYS A 20 -7.48 -4.53 0.17
CA LYS A 20 -7.30 -5.85 -0.41
C LYS A 20 -5.92 -6.40 -0.03
N ILE A 21 -5.76 -7.71 -0.21
CA ILE A 21 -4.50 -8.37 0.11
C ILE A 21 -3.96 -9.13 -1.10
N PHE A 22 -2.75 -8.75 -1.53
CA PHE A 22 -2.11 -9.38 -2.68
C PHE A 22 -0.96 -10.27 -2.23
N ARG A 23 -0.51 -11.14 -3.13
CA ARG A 23 0.59 -12.05 -2.84
C ARG A 23 1.94 -11.35 -2.99
N ASP A 24 2.19 -10.82 -4.18
CA ASP A 24 3.44 -10.12 -4.46
C ASP A 24 3.18 -8.65 -4.74
N VAL A 25 4.25 -7.85 -4.67
CA VAL A 25 4.13 -6.41 -4.92
C VAL A 25 3.83 -6.12 -6.39
N TYR A 26 4.27 -7.02 -7.26
CA TYR A 26 4.05 -6.87 -8.69
C TYR A 26 2.57 -6.63 -9.00
N HIS A 27 1.70 -7.33 -8.26
CA HIS A 27 0.26 -7.20 -8.45
C HIS A 27 -0.22 -5.84 -7.96
N LEU A 28 0.50 -5.27 -7.00
CA LEU A 28 0.13 -3.97 -6.44
C LEU A 28 0.66 -2.83 -7.31
N ASN A 29 1.84 -3.05 -7.90
CA ASN A 29 2.45 -2.05 -8.76
C ASN A 29 1.47 -1.58 -9.84
N ARG A 30 0.81 -2.53 -10.47
CA ARG A 30 -0.15 -2.22 -11.53
C ARG A 30 -1.49 -1.77 -10.93
N HIS A 31 -1.90 -2.45 -9.86
CA HIS A 31 -3.16 -2.11 -9.20
C HIS A 31 -3.16 -0.66 -8.73
N LYS A 32 -1.98 -0.13 -8.43
CA LYS A 32 -1.85 1.24 -7.97
C LYS A 32 -2.27 2.22 -9.06
N LEU A 33 -1.90 1.91 -10.31
CA LEU A 33 -2.26 2.75 -11.43
C LEU A 33 -3.76 2.97 -11.53
N SER A 34 -4.52 1.93 -11.16
CA SER A 34 -5.97 2.00 -11.20
C SER A 34 -6.50 3.04 -10.21
N HIS A 35 -5.71 3.29 -9.16
CA HIS A 35 -6.10 4.26 -8.14
C HIS A 35 -5.73 5.67 -8.57
N SER A 36 -6.59 6.28 -9.38
CA SER A 36 -6.35 7.64 -9.87
C SER A 36 -6.66 8.67 -8.79
N GLY A 37 -7.69 8.39 -7.99
CA GLY A 37 -8.08 9.30 -6.93
C GLY A 37 -9.58 9.35 -6.74
N GLU A 38 -10.20 8.18 -6.57
CA GLU A 38 -11.64 8.12 -6.37
C GLU A 38 -11.99 7.32 -5.12
N LYS A 39 -12.84 7.88 -4.28
CA LYS A 39 -13.24 7.22 -3.04
C LYS A 39 -14.77 7.22 -2.90
N PRO A 40 -15.45 6.46 -3.77
CA PRO A 40 -16.91 6.35 -3.76
C PRO A 40 -17.43 5.61 -2.53
N TYR A 41 -16.74 4.53 -2.17
CA TYR A 41 -17.14 3.73 -1.01
C TYR A 41 -16.20 3.97 0.17
N SER A 42 -16.46 5.05 0.91
CA SER A 42 -15.66 5.40 2.07
C SER A 42 -15.78 4.35 3.17
N SER A 43 -14.68 4.06 3.85
CA SER A 43 -14.67 3.08 4.92
C SER A 43 -14.23 3.71 6.24
N GLY A 44 -14.50 3.02 7.33
CA GLY A 44 -14.12 3.52 8.64
C GLY A 44 -13.04 2.69 9.31
N PRO A 45 -11.79 2.85 8.84
CA PRO A 45 -10.65 2.12 9.37
C PRO A 45 -10.27 2.56 10.78
N SER A 46 -10.78 1.85 11.78
CA SER A 46 -10.51 2.17 13.18
C SER A 46 -9.08 1.83 13.54
N SER A 47 -8.22 2.85 13.59
CA SER A 47 -6.82 2.65 13.92
C SER A 47 -6.66 2.02 15.30
N GLY A 48 -5.98 0.89 15.36
CA GLY A 48 -5.78 0.21 16.62
C GLY A 48 -4.63 0.80 17.42
N GLY A 1 3.83 -11.06 31.42
CA GLY A 1 5.10 -11.69 31.76
C GLY A 1 5.58 -12.64 30.68
N SER A 2 4.79 -13.66 30.40
CA SER A 2 5.14 -14.64 29.38
C SER A 2 5.11 -14.02 27.99
N SER A 3 6.10 -14.37 27.16
CA SER A 3 6.18 -13.85 25.81
C SER A 3 4.97 -14.26 24.99
N GLY A 4 4.32 -13.26 24.36
CA GLY A 4 3.15 -13.53 23.56
C GLY A 4 3.48 -13.73 22.10
N SER A 5 3.25 -14.94 21.59
CA SER A 5 3.53 -15.25 20.20
C SER A 5 2.28 -15.75 19.49
N SER A 6 2.15 -15.40 18.21
CA SER A 6 1.00 -15.81 17.41
C SER A 6 1.39 -16.87 16.40
N GLY A 7 0.43 -17.25 15.56
CA GLY A 7 0.69 -18.27 14.55
C GLY A 7 1.56 -17.75 13.42
N ARG A 8 1.78 -18.58 12.41
CA ARG A 8 2.60 -18.20 11.26
C ARG A 8 2.09 -16.89 10.64
N THR A 9 2.92 -15.86 10.70
CA THR A 9 2.56 -14.57 10.14
C THR A 9 3.25 -14.33 8.80
N ARG A 10 2.55 -14.65 7.71
CA ARG A 10 3.09 -14.48 6.37
C ARG A 10 3.08 -13.00 5.96
N LYS A 11 4.26 -12.44 5.75
CA LYS A 11 4.37 -11.05 5.35
C LYS A 11 3.95 -10.85 3.90
N GLN A 12 2.68 -10.51 3.71
CA GLN A 12 2.16 -10.29 2.36
C GLN A 12 1.84 -8.82 2.13
N VAL A 13 1.34 -8.51 0.94
CA VAL A 13 0.99 -7.13 0.59
C VAL A 13 -0.50 -6.86 0.84
N ALA A 14 -0.80 -5.67 1.34
CA ALA A 14 -2.18 -5.29 1.62
C ALA A 14 -2.44 -3.84 1.23
N CYS A 15 -3.36 -3.64 0.29
CA CYS A 15 -3.70 -2.30 -0.17
C CYS A 15 -4.69 -1.63 0.78
N GLU A 16 -4.25 -0.56 1.42
CA GLU A 16 -5.11 0.18 2.35
C GLU A 16 -6.01 1.15 1.61
N ILE A 17 -5.58 1.58 0.42
CA ILE A 17 -6.35 2.51 -0.38
C ILE A 17 -7.78 2.02 -0.57
N CYS A 18 -7.92 0.77 -1.04
CA CYS A 18 -9.23 0.18 -1.26
C CYS A 18 -9.52 -0.89 -0.22
N GLY A 19 -8.49 -1.61 0.19
CA GLY A 19 -8.65 -2.66 1.18
C GLY A 19 -8.67 -4.05 0.57
N LYS A 20 -7.51 -4.49 0.09
CA LYS A 20 -7.40 -5.81 -0.53
C LYS A 20 -6.10 -6.50 -0.11
N ILE A 21 -5.99 -7.79 -0.40
CA ILE A 21 -4.81 -8.56 -0.05
C ILE A 21 -4.15 -9.15 -1.30
N PHE A 22 -2.84 -8.98 -1.40
CA PHE A 22 -2.09 -9.49 -2.54
C PHE A 22 -0.90 -10.33 -2.08
N ARG A 23 -0.42 -11.20 -2.96
CA ARG A 23 0.71 -12.06 -2.64
C ARG A 23 2.02 -11.30 -2.74
N ASP A 24 2.25 -10.68 -3.89
CA ASP A 24 3.47 -9.92 -4.13
C ASP A 24 3.15 -8.45 -4.40
N VAL A 25 4.18 -7.63 -4.52
CA VAL A 25 4.02 -6.21 -4.79
C VAL A 25 3.87 -5.95 -6.29
N TYR A 26 4.47 -6.82 -7.10
CA TYR A 26 4.41 -6.68 -8.54
C TYR A 26 2.97 -6.54 -9.03
N HIS A 27 2.07 -7.31 -8.41
CA HIS A 27 0.66 -7.28 -8.77
C HIS A 27 0.00 -6.00 -8.27
N LEU A 28 0.52 -5.46 -7.16
CA LEU A 28 -0.02 -4.23 -6.58
C LEU A 28 0.39 -3.02 -7.40
N ASN A 29 1.55 -3.11 -8.06
CA ASN A 29 2.04 -2.02 -8.87
C ASN A 29 1.00 -1.56 -9.88
N ARG A 30 0.60 -2.47 -10.77
CA ARG A 30 -0.39 -2.16 -11.79
C ARG A 30 -1.72 -1.78 -11.15
N HIS A 31 -1.97 -2.30 -9.95
CA HIS A 31 -3.21 -2.01 -9.22
C HIS A 31 -3.23 -0.55 -8.76
N LYS A 32 -2.06 -0.02 -8.44
CA LYS A 32 -1.95 1.36 -7.98
C LYS A 32 -2.25 2.34 -9.11
N LEU A 33 -1.93 1.94 -10.33
CA LEU A 33 -2.18 2.78 -11.51
C LEU A 33 -3.66 3.03 -11.69
N SER A 34 -4.48 2.06 -11.31
CA SER A 34 -5.93 2.18 -11.43
C SER A 34 -6.47 3.21 -10.46
N HIS A 35 -5.84 3.32 -9.30
CA HIS A 35 -6.26 4.28 -8.28
C HIS A 35 -6.02 5.70 -8.75
N SER A 36 -7.06 6.54 -8.65
CA SER A 36 -6.97 7.93 -9.06
C SER A 36 -6.36 8.78 -7.97
N GLY A 37 -5.95 10.00 -8.32
CA GLY A 37 -5.36 10.90 -7.35
C GLY A 37 -5.26 12.33 -7.87
N GLU A 38 -4.74 12.48 -9.08
CA GLU A 38 -4.60 13.80 -9.68
C GLU A 38 -5.61 14.00 -10.81
N LYS A 39 -5.59 15.18 -11.41
CA LYS A 39 -6.49 15.50 -12.51
C LYS A 39 -5.73 16.04 -13.72
N PRO A 40 -4.98 15.15 -14.39
CA PRO A 40 -4.19 15.52 -15.57
C PRO A 40 -5.07 15.83 -16.78
N TYR A 41 -5.39 17.10 -16.94
CA TYR A 41 -6.23 17.54 -18.06
C TYR A 41 -5.93 18.99 -18.44
N SER A 42 -5.42 19.18 -19.65
CA SER A 42 -5.09 20.52 -20.13
C SER A 42 -6.35 21.37 -20.29
N SER A 43 -6.64 22.17 -19.28
CA SER A 43 -7.82 23.03 -19.29
C SER A 43 -7.42 24.51 -19.35
N GLY A 44 -6.38 24.80 -20.12
CA GLY A 44 -5.91 26.17 -20.25
C GLY A 44 -6.72 26.97 -21.25
N PRO A 45 -6.49 26.71 -22.55
CA PRO A 45 -7.19 27.41 -23.63
C PRO A 45 -8.66 27.00 -23.72
N SER A 46 -9.35 27.52 -24.73
CA SER A 46 -10.77 27.22 -24.92
C SER A 46 -10.97 26.25 -26.09
N SER A 47 -12.20 25.78 -26.26
CA SER A 47 -12.51 24.86 -27.33
C SER A 47 -12.59 25.58 -28.67
N GLY A 48 -11.50 25.49 -29.44
CA GLY A 48 -11.45 26.14 -30.73
C GLY A 48 -10.39 25.56 -31.65
N GLY A 1 11.67 -20.41 27.49
CA GLY A 1 10.29 -20.15 27.17
C GLY A 1 9.90 -18.71 27.41
N SER A 2 10.14 -17.85 26.41
CA SER A 2 9.81 -16.43 26.52
C SER A 2 8.30 -16.23 26.57
N SER A 3 7.89 -14.97 26.59
CA SER A 3 6.48 -14.62 26.65
C SER A 3 6.13 -13.56 25.61
N GLY A 4 6.43 -13.86 24.35
CA GLY A 4 6.14 -12.91 23.28
C GLY A 4 6.08 -13.57 21.92
N SER A 5 5.41 -12.93 20.97
CA SER A 5 5.28 -13.47 19.63
C SER A 5 5.82 -12.47 18.60
N SER A 6 6.77 -12.93 17.80
CA SER A 6 7.38 -12.08 16.77
C SER A 6 7.75 -12.91 15.54
N GLY A 7 7.43 -12.39 14.36
CA GLY A 7 7.75 -13.09 13.13
C GLY A 7 7.11 -12.44 11.92
N ARG A 8 7.78 -12.57 10.77
CA ARG A 8 7.28 -11.99 9.53
C ARG A 8 7.25 -13.03 8.41
N THR A 9 7.01 -14.28 8.77
CA THR A 9 6.96 -15.37 7.80
C THR A 9 5.66 -15.33 7.00
N ARG A 10 5.73 -15.78 5.76
CA ARG A 10 4.57 -15.80 4.88
C ARG A 10 3.97 -14.40 4.75
N LYS A 11 4.84 -13.40 4.65
CA LYS A 11 4.40 -12.01 4.53
C LYS A 11 3.64 -11.81 3.22
N GLN A 12 3.01 -10.64 3.08
CA GLN A 12 2.25 -10.32 1.88
C GLN A 12 1.90 -8.83 1.84
N VAL A 13 1.24 -8.42 0.76
CA VAL A 13 0.85 -7.02 0.59
C VAL A 13 -0.63 -6.83 0.86
N ALA A 14 -0.98 -5.70 1.46
CA ALA A 14 -2.37 -5.39 1.78
C ALA A 14 -2.71 -3.95 1.39
N CYS A 15 -3.21 -3.77 0.17
CA CYS A 15 -3.58 -2.45 -0.32
C CYS A 15 -4.52 -1.75 0.66
N GLU A 16 -4.00 -0.73 1.35
CA GLU A 16 -4.79 0.01 2.32
C GLU A 16 -5.71 1.02 1.61
N ILE A 17 -5.30 1.43 0.41
CA ILE A 17 -6.08 2.39 -0.36
C ILE A 17 -7.53 1.94 -0.49
N CYS A 18 -7.73 0.75 -1.04
CA CYS A 18 -9.08 0.21 -1.22
C CYS A 18 -9.37 -0.86 -0.18
N GLY A 19 -8.33 -1.62 0.19
CA GLY A 19 -8.51 -2.67 1.18
C GLY A 19 -8.56 -4.05 0.55
N LYS A 20 -7.49 -4.44 -0.13
CA LYS A 20 -7.41 -5.73 -0.78
C LYS A 20 -6.05 -6.38 -0.56
N ILE A 21 -6.05 -7.69 -0.35
CA ILE A 21 -4.81 -8.43 -0.13
C ILE A 21 -4.24 -8.95 -1.45
N PHE A 22 -2.93 -8.78 -1.63
CA PHE A 22 -2.26 -9.22 -2.84
C PHE A 22 -1.08 -10.13 -2.51
N ARG A 23 -0.69 -10.97 -3.45
CA ARG A 23 0.43 -11.88 -3.26
C ARG A 23 1.72 -11.11 -3.03
N ASP A 24 2.14 -10.34 -4.02
CA ASP A 24 3.36 -9.54 -3.91
C ASP A 24 3.14 -8.13 -4.44
N VAL A 25 4.18 -7.31 -4.38
CA VAL A 25 4.11 -5.94 -4.85
C VAL A 25 3.93 -5.88 -6.37
N TYR A 26 4.41 -6.92 -7.05
CA TYR A 26 4.31 -6.99 -8.49
C TYR A 26 2.87 -6.77 -8.95
N HIS A 27 1.92 -7.17 -8.11
CA HIS A 27 0.50 -7.00 -8.42
C HIS A 27 -0.01 -5.66 -7.93
N LEU A 28 0.53 -5.19 -6.82
CA LEU A 28 0.12 -3.91 -6.24
C LEU A 28 0.52 -2.75 -7.15
N ASN A 29 1.73 -2.84 -7.71
CA ASN A 29 2.24 -1.80 -8.60
C ASN A 29 1.23 -1.49 -9.70
N ARG A 30 0.80 -2.54 -10.40
CA ARG A 30 -0.16 -2.38 -11.49
C ARG A 30 -1.55 -2.04 -10.94
N HIS A 31 -1.88 -2.61 -9.79
CA HIS A 31 -3.17 -2.36 -9.16
C HIS A 31 -3.32 -0.89 -8.77
N LYS A 32 -2.19 -0.24 -8.52
CA LYS A 32 -2.19 1.17 -8.12
C LYS A 32 -2.50 2.05 -9.33
N LEU A 33 -2.13 1.59 -10.51
CA LEU A 33 -2.36 2.34 -11.74
C LEU A 33 -3.84 2.71 -11.88
N SER A 34 -4.70 1.89 -11.30
CA SER A 34 -6.14 2.13 -11.36
C SER A 34 -6.56 3.20 -10.37
N HIS A 35 -5.92 3.21 -9.20
CA HIS A 35 -6.23 4.18 -8.16
C HIS A 35 -5.81 5.58 -8.59
N SER A 36 -6.16 6.58 -7.78
CA SER A 36 -5.83 7.96 -8.09
C SER A 36 -4.43 8.31 -7.58
N GLY A 37 -4.19 8.02 -6.31
CA GLY A 37 -2.89 8.31 -5.72
C GLY A 37 -2.98 8.64 -4.24
N GLU A 38 -3.28 7.64 -3.43
CA GLU A 38 -3.40 7.83 -1.99
C GLU A 38 -2.14 7.38 -1.27
N LYS A 39 -0.99 7.61 -1.89
CA LYS A 39 0.28 7.22 -1.32
C LYS A 39 1.20 8.44 -1.14
N PRO A 40 0.86 9.30 -0.16
CA PRO A 40 1.63 10.52 0.13
C PRO A 40 2.98 10.20 0.74
N TYR A 41 3.04 9.17 1.57
CA TYR A 41 4.27 8.76 2.22
C TYR A 41 5.30 8.29 1.20
N SER A 42 6.57 8.43 1.54
CA SER A 42 7.65 8.02 0.64
C SER A 42 8.49 6.91 1.28
N SER A 43 8.83 5.90 0.48
CA SER A 43 9.62 4.77 0.97
C SER A 43 10.42 4.15 -0.17
N GLY A 44 11.70 3.87 0.10
CA GLY A 44 12.56 3.27 -0.90
C GLY A 44 14.02 3.44 -0.58
N PRO A 45 14.89 3.10 -1.55
CA PRO A 45 16.35 3.20 -1.39
C PRO A 45 16.81 4.66 -1.33
N SER A 46 18.10 4.84 -1.07
CA SER A 46 18.68 6.17 -0.98
C SER A 46 19.44 6.52 -2.26
N SER A 47 18.71 6.68 -3.36
CA SER A 47 19.31 7.01 -4.64
C SER A 47 18.52 8.10 -5.34
N GLY A 48 19.18 8.80 -6.27
CA GLY A 48 18.53 9.86 -7.00
C GLY A 48 17.80 9.37 -8.24
N GLY A 1 2.17 7.13 17.61
CA GLY A 1 2.05 6.18 16.52
C GLY A 1 3.38 5.62 16.10
N SER A 2 3.38 4.40 15.59
CA SER A 2 4.61 3.75 15.14
C SER A 2 4.48 3.28 13.69
N SER A 3 5.46 3.64 12.87
CA SER A 3 5.46 3.26 11.46
C SER A 3 6.61 2.31 11.15
N GLY A 4 6.36 1.35 10.26
CA GLY A 4 7.39 0.39 9.90
C GLY A 4 8.00 -0.30 11.11
N SER A 5 7.14 -0.85 11.96
CA SER A 5 7.60 -1.53 13.16
C SER A 5 8.28 -2.86 12.80
N SER A 6 9.26 -3.24 13.61
CA SER A 6 9.99 -4.48 13.37
C SER A 6 9.35 -5.64 14.14
N GLY A 7 8.82 -6.61 13.39
CA GLY A 7 8.19 -7.76 14.02
C GLY A 7 7.20 -8.44 13.10
N ARG A 8 6.71 -9.60 13.53
CA ARG A 8 5.74 -10.36 12.74
C ARG A 8 4.39 -9.66 12.73
N THR A 9 4.07 -8.99 11.63
CA THR A 9 2.81 -8.27 11.51
C THR A 9 2.05 -8.72 10.25
N ARG A 10 2.79 -8.93 9.17
CA ARG A 10 2.19 -9.36 7.91
C ARG A 10 3.27 -9.78 6.91
N LYS A 11 3.18 -11.03 6.46
CA LYS A 11 4.15 -11.56 5.51
C LYS A 11 3.57 -11.55 4.09
N GLN A 12 2.67 -10.61 3.84
CA GLN A 12 2.05 -10.49 2.52
C GLN A 12 1.82 -9.03 2.16
N VAL A 13 1.24 -8.80 0.99
CA VAL A 13 0.95 -7.45 0.53
C VAL A 13 -0.53 -7.13 0.61
N ALA A 14 -0.86 -5.91 1.00
CA ALA A 14 -2.24 -5.48 1.12
C ALA A 14 -2.40 -4.01 0.77
N CYS A 15 -3.44 -3.69 0.01
CA CYS A 15 -3.71 -2.31 -0.39
C CYS A 15 -4.59 -1.60 0.63
N GLU A 16 -4.03 -0.56 1.25
CA GLU A 16 -4.76 0.21 2.26
C GLU A 16 -5.67 1.24 1.60
N ILE A 17 -5.31 1.64 0.38
CA ILE A 17 -6.09 2.63 -0.36
C ILE A 17 -7.56 2.24 -0.41
N CYS A 18 -7.82 0.99 -0.79
CA CYS A 18 -9.19 0.49 -0.88
C CYS A 18 -9.43 -0.63 0.13
N GLY A 19 -8.42 -1.47 0.31
CA GLY A 19 -8.54 -2.58 1.25
C GLY A 19 -8.60 -3.93 0.56
N LYS A 20 -7.44 -4.47 0.22
CA LYS A 20 -7.36 -5.76 -0.46
C LYS A 20 -6.08 -6.49 -0.07
N ILE A 21 -6.04 -7.80 -0.37
CA ILE A 21 -4.87 -8.60 -0.06
C ILE A 21 -4.32 -9.27 -1.31
N PHE A 22 -3.05 -8.98 -1.61
CA PHE A 22 -2.40 -9.55 -2.79
C PHE A 22 -1.33 -10.57 -2.38
N ARG A 23 -0.64 -11.11 -3.37
CA ARG A 23 0.40 -12.10 -3.11
C ARG A 23 1.77 -11.43 -3.05
N ASP A 24 2.01 -10.48 -3.93
CA ASP A 24 3.28 -9.76 -3.98
C ASP A 24 3.06 -8.30 -4.37
N VAL A 25 4.13 -7.51 -4.28
CA VAL A 25 4.06 -6.09 -4.62
C VAL A 25 4.06 -5.89 -6.13
N TYR A 26 4.65 -6.84 -6.84
CA TYR A 26 4.71 -6.78 -8.30
C TYR A 26 3.32 -6.56 -8.90
N HIS A 27 2.30 -7.13 -8.25
CA HIS A 27 0.94 -6.99 -8.72
C HIS A 27 0.32 -5.68 -8.22
N LEU A 28 0.70 -5.28 -7.02
CA LEU A 28 0.19 -4.05 -6.43
C LEU A 28 0.60 -2.84 -7.25
N ASN A 29 1.80 -2.89 -7.82
CA ASN A 29 2.30 -1.79 -8.64
C ASN A 29 1.32 -1.44 -9.74
N ARG A 30 0.67 -2.46 -10.32
CA ARG A 30 -0.29 -2.24 -11.38
C ARG A 30 -1.64 -1.79 -10.82
N HIS A 31 -2.03 -2.39 -9.69
CA HIS A 31 -3.29 -2.05 -9.05
C HIS A 31 -3.37 -0.55 -8.75
N LYS A 32 -2.25 0.02 -8.31
CA LYS A 32 -2.18 1.43 -8.00
C LYS A 32 -2.52 2.28 -9.22
N LEU A 33 -2.08 1.82 -10.39
CA LEU A 33 -2.33 2.54 -11.62
C LEU A 33 -3.83 2.76 -11.84
N SER A 34 -4.62 1.79 -11.40
CA SER A 34 -6.07 1.87 -11.54
C SER A 34 -6.65 2.98 -10.65
N HIS A 35 -6.13 3.07 -9.44
CA HIS A 35 -6.60 4.08 -8.48
C HIS A 35 -6.47 5.48 -9.08
N SER A 36 -7.47 6.32 -8.85
CA SER A 36 -7.47 7.68 -9.37
C SER A 36 -6.81 8.64 -8.37
N GLY A 37 -5.50 8.81 -8.50
CA GLY A 37 -4.78 9.70 -7.60
C GLY A 37 -5.28 11.13 -7.68
N GLU A 38 -4.88 11.95 -6.71
CA GLU A 38 -5.30 13.34 -6.68
C GLU A 38 -4.15 14.26 -7.11
N LYS A 39 -3.37 13.80 -8.06
CA LYS A 39 -2.23 14.58 -8.58
C LYS A 39 -1.28 14.94 -7.45
N PRO A 40 -0.51 13.94 -6.97
CA PRO A 40 0.46 14.14 -5.89
C PRO A 40 1.66 14.98 -6.33
N TYR A 41 2.33 15.57 -5.36
CA TYR A 41 3.50 16.42 -5.64
C TYR A 41 4.69 15.56 -6.07
N SER A 42 5.31 15.94 -7.18
CA SER A 42 6.47 15.21 -7.70
C SER A 42 7.77 15.89 -7.27
N SER A 43 8.79 15.07 -7.01
CA SER A 43 10.08 15.58 -6.59
C SER A 43 11.14 14.48 -6.62
N GLY A 44 12.37 14.85 -6.94
CA GLY A 44 13.45 13.89 -7.01
C GLY A 44 14.78 14.49 -6.60
N PRO A 45 15.81 13.63 -6.47
CA PRO A 45 17.15 14.05 -6.09
C PRO A 45 17.85 14.86 -7.18
N SER A 46 18.79 15.71 -6.78
CA SER A 46 19.52 16.54 -7.73
C SER A 46 20.78 15.83 -8.21
N SER A 47 20.64 15.03 -9.26
CA SER A 47 21.77 14.29 -9.82
C SER A 47 22.29 14.96 -11.07
N GLY A 48 23.59 15.31 -11.06
CA GLY A 48 24.19 15.96 -12.21
C GLY A 48 24.07 15.14 -13.47
N GLY A 1 -14.78 -2.27 19.59
CA GLY A 1 -13.89 -3.28 20.14
C GLY A 1 -12.44 -2.87 20.06
N SER A 2 -11.61 -3.48 20.89
CA SER A 2 -10.18 -3.16 20.92
C SER A 2 -9.38 -4.28 20.26
N SER A 3 -9.77 -5.52 20.53
CA SER A 3 -9.08 -6.68 19.95
C SER A 3 -9.60 -6.98 18.55
N GLY A 4 -9.32 -6.07 17.61
CA GLY A 4 -9.77 -6.26 16.25
C GLY A 4 -9.03 -7.39 15.55
N SER A 5 -8.24 -7.06 14.54
CA SER A 5 -7.49 -8.04 13.79
C SER A 5 -5.99 -7.84 13.97
N SER A 6 -5.42 -8.50 14.96
CA SER A 6 -3.99 -8.38 15.25
C SER A 6 -3.29 -9.71 15.00
N GLY A 7 -2.29 -9.69 14.12
CA GLY A 7 -1.54 -10.90 13.82
C GLY A 7 -0.11 -10.84 14.29
N ARG A 8 0.60 -11.94 14.16
CA ARG A 8 2.00 -12.01 14.59
C ARG A 8 2.84 -11.00 13.81
N THR A 9 2.89 -11.17 12.49
CA THR A 9 3.67 -10.27 11.64
C THR A 9 3.14 -10.28 10.21
N ARG A 10 3.11 -9.11 9.58
CA ARG A 10 2.64 -8.99 8.20
C ARG A 10 3.56 -9.73 7.23
N LYS A 11 3.03 -10.79 6.62
CA LYS A 11 3.81 -11.58 5.68
C LYS A 11 3.16 -11.56 4.30
N GLN A 12 2.62 -10.41 3.92
CA GLN A 12 1.97 -10.25 2.62
C GLN A 12 1.64 -8.79 2.34
N VAL A 13 1.25 -8.50 1.11
CA VAL A 13 0.91 -7.14 0.71
C VAL A 13 -0.59 -6.90 0.80
N ALA A 14 -0.97 -5.75 1.34
CA ALA A 14 -2.38 -5.39 1.48
C ALA A 14 -2.62 -3.92 1.14
N CYS A 15 -3.33 -3.68 0.06
CA CYS A 15 -3.62 -2.31 -0.37
C CYS A 15 -4.55 -1.62 0.62
N GLU A 16 -4.01 -0.60 1.30
CA GLU A 16 -4.79 0.15 2.29
C GLU A 16 -5.69 1.17 1.60
N ILE A 17 -5.31 1.57 0.39
CA ILE A 17 -6.09 2.55 -0.37
C ILE A 17 -7.55 2.13 -0.46
N CYS A 18 -7.78 0.87 -0.81
CA CYS A 18 -9.15 0.35 -0.94
C CYS A 18 -9.38 -0.80 0.04
N GLY A 19 -8.37 -1.67 0.18
CA GLY A 19 -8.49 -2.79 1.08
C GLY A 19 -8.55 -4.12 0.35
N LYS A 20 -7.38 -4.63 -0.04
CA LYS A 20 -7.32 -5.90 -0.75
C LYS A 20 -6.02 -6.64 -0.42
N ILE A 21 -6.13 -7.95 -0.24
CA ILE A 21 -4.96 -8.78 0.08
C ILE A 21 -4.33 -9.35 -1.18
N PHE A 22 -3.05 -9.04 -1.39
CA PHE A 22 -2.34 -9.53 -2.56
C PHE A 22 -1.27 -10.55 -2.15
N ARG A 23 -0.53 -11.05 -3.14
CA ARG A 23 0.51 -12.03 -2.89
C ARG A 23 1.90 -11.37 -2.94
N ASP A 24 2.04 -10.38 -3.82
CA ASP A 24 3.31 -9.67 -3.96
C ASP A 24 3.08 -8.22 -4.36
N VAL A 25 4.15 -7.43 -4.37
CA VAL A 25 4.07 -6.02 -4.74
C VAL A 25 4.00 -5.85 -6.26
N TYR A 26 4.58 -6.81 -6.97
CA TYR A 26 4.59 -6.76 -8.43
C TYR A 26 3.17 -6.68 -8.98
N HIS A 27 2.22 -7.20 -8.22
CA HIS A 27 0.81 -7.19 -8.64
C HIS A 27 0.13 -5.90 -8.19
N LEU A 28 0.56 -5.36 -7.05
CA LEU A 28 0.00 -4.13 -6.52
C LEU A 28 0.39 -2.93 -7.37
N ASN A 29 1.57 -3.01 -7.98
CA ASN A 29 2.07 -1.92 -8.83
C ASN A 29 1.03 -1.55 -9.88
N ARG A 30 0.55 -2.54 -10.62
CA ARG A 30 -0.44 -2.32 -11.66
C ARG A 30 -1.77 -1.87 -11.06
N HIS A 31 -2.01 -2.27 -9.82
CA HIS A 31 -3.25 -1.92 -9.13
C HIS A 31 -3.25 -0.43 -8.74
N LYS A 32 -2.06 0.10 -8.48
CA LYS A 32 -1.91 1.50 -8.10
C LYS A 32 -2.33 2.41 -9.24
N LEU A 33 -1.93 2.06 -10.46
CA LEU A 33 -2.27 2.86 -11.62
C LEU A 33 -3.79 2.99 -11.78
N SER A 34 -4.50 1.96 -11.35
CA SER A 34 -5.96 1.97 -11.44
C SER A 34 -6.56 3.00 -10.49
N HIS A 35 -5.92 3.19 -9.35
CA HIS A 35 -6.39 4.15 -8.36
C HIS A 35 -6.34 5.57 -8.92
N SER A 36 -7.03 6.49 -8.25
CA SER A 36 -7.06 7.88 -8.68
C SER A 36 -6.24 8.76 -7.73
N GLY A 37 -6.50 8.63 -6.44
CA GLY A 37 -5.79 9.41 -5.45
C GLY A 37 -6.56 10.64 -5.00
N GLU A 38 -7.60 10.41 -4.20
CA GLU A 38 -8.43 11.51 -3.70
C GLU A 38 -7.60 12.50 -2.90
N LYS A 39 -7.52 13.74 -3.39
CA LYS A 39 -6.75 14.78 -2.71
C LYS A 39 -7.54 16.09 -2.69
N PRO A 40 -8.62 16.12 -1.89
CA PRO A 40 -9.47 17.31 -1.77
C PRO A 40 -8.76 18.43 -1.02
N TYR A 41 -8.16 18.10 0.12
CA TYR A 41 -7.46 19.08 0.93
C TYR A 41 -6.06 19.35 0.38
N SER A 42 -5.67 20.62 0.37
CA SER A 42 -4.35 21.01 -0.13
C SER A 42 -3.50 21.61 0.98
N SER A 43 -2.53 20.84 1.47
CA SER A 43 -1.66 21.30 2.54
C SER A 43 -0.27 21.62 1.99
N GLY A 44 0.20 20.80 1.06
CA GLY A 44 1.51 21.01 0.48
C GLY A 44 1.50 20.87 -1.02
N PRO A 45 2.66 21.13 -1.66
CA PRO A 45 2.81 21.04 -3.12
C PRO A 45 2.75 19.61 -3.62
N SER A 46 2.72 19.45 -4.93
CA SER A 46 2.66 18.13 -5.54
C SER A 46 3.35 18.12 -6.90
N SER A 47 4.34 17.24 -7.05
CA SER A 47 5.08 17.13 -8.30
C SER A 47 4.32 16.27 -9.32
N GLY A 48 3.33 16.88 -9.96
CA GLY A 48 2.54 16.16 -10.95
C GLY A 48 2.27 17.00 -12.18
N GLY A 1 12.88 10.09 19.91
CA GLY A 1 13.21 9.00 20.81
C GLY A 1 13.58 7.73 20.06
N SER A 2 12.57 6.94 19.70
CA SER A 2 12.79 5.69 18.99
C SER A 2 11.55 5.30 18.19
N SER A 3 11.78 4.62 17.06
CA SER A 3 10.68 4.20 16.20
C SER A 3 11.09 2.97 15.39
N GLY A 4 10.33 1.89 15.54
CA GLY A 4 10.63 0.66 14.81
C GLY A 4 10.64 -0.56 15.72
N SER A 5 9.53 -0.81 16.40
CA SER A 5 9.43 -1.95 17.30
C SER A 5 9.47 -3.25 16.53
N SER A 6 8.45 -3.47 15.69
CA SER A 6 8.36 -4.69 14.89
C SER A 6 8.89 -4.45 13.48
N GLY A 7 9.74 -5.35 13.01
CA GLY A 7 10.30 -5.23 11.68
C GLY A 7 9.26 -5.43 10.59
N ARG A 8 9.12 -6.67 10.14
CA ARG A 8 8.16 -6.99 9.08
C ARG A 8 6.74 -7.00 9.65
N THR A 9 6.18 -5.82 9.85
CA THR A 9 4.83 -5.68 10.38
C THR A 9 3.83 -6.50 9.55
N ARG A 10 4.14 -6.67 8.26
CA ARG A 10 3.27 -7.42 7.37
C ARG A 10 4.09 -8.16 6.31
N LYS A 11 3.70 -9.39 6.03
CA LYS A 11 4.40 -10.20 5.04
C LYS A 11 3.91 -9.88 3.62
N GLN A 12 2.68 -10.25 3.33
CA GLN A 12 2.09 -10.00 2.01
C GLN A 12 1.69 -8.54 1.86
N VAL A 13 1.20 -8.18 0.68
CA VAL A 13 0.79 -6.81 0.42
C VAL A 13 -0.69 -6.61 0.74
N ALA A 14 -0.99 -5.50 1.41
CA ALA A 14 -2.37 -5.19 1.78
C ALA A 14 -2.71 -3.74 1.47
N CYS A 15 -3.35 -3.52 0.33
CA CYS A 15 -3.74 -2.17 -0.09
C CYS A 15 -4.77 -1.58 0.86
N GLU A 16 -4.39 -0.51 1.57
CA GLU A 16 -5.29 0.15 2.50
C GLU A 16 -6.18 1.15 1.79
N ILE A 17 -5.72 1.63 0.64
CA ILE A 17 -6.48 2.61 -0.14
C ILE A 17 -7.90 2.13 -0.36
N CYS A 18 -8.05 0.85 -0.73
CA CYS A 18 -9.36 0.28 -0.98
C CYS A 18 -9.60 -0.94 -0.08
N GLY A 19 -8.55 -1.72 0.12
CA GLY A 19 -8.67 -2.91 0.95
C GLY A 19 -8.49 -4.19 0.16
N LYS A 20 -7.32 -4.35 -0.46
CA LYS A 20 -7.02 -5.54 -1.25
C LYS A 20 -5.81 -6.28 -0.70
N ILE A 21 -5.71 -7.57 -1.01
CA ILE A 21 -4.60 -8.38 -0.55
C ILE A 21 -3.90 -9.07 -1.71
N PHE A 22 -2.57 -9.00 -1.70
CA PHE A 22 -1.77 -9.62 -2.77
C PHE A 22 -0.53 -10.28 -2.19
N ARG A 23 -0.10 -11.37 -2.81
CA ARG A 23 1.08 -12.10 -2.36
C ARG A 23 2.34 -11.26 -2.54
N ASP A 24 2.58 -10.80 -3.76
CA ASP A 24 3.75 -9.98 -4.04
C ASP A 24 3.34 -8.56 -4.40
N VAL A 25 4.32 -7.68 -4.57
CA VAL A 25 4.07 -6.29 -4.91
C VAL A 25 3.78 -6.12 -6.40
N TYR A 26 4.28 -7.06 -7.20
CA TYR A 26 4.08 -7.02 -8.64
C TYR A 26 2.60 -6.86 -8.98
N HIS A 27 1.74 -7.40 -8.11
CA HIS A 27 0.30 -7.31 -8.32
C HIS A 27 -0.23 -5.95 -7.91
N LEU A 28 0.38 -5.36 -6.88
CA LEU A 28 -0.04 -4.05 -6.40
C LEU A 28 0.43 -2.94 -7.34
N ASN A 29 1.51 -3.21 -8.07
CA ASN A 29 2.06 -2.24 -9.00
C ASN A 29 0.99 -1.77 -9.99
N ARG A 30 0.44 -2.70 -10.76
CA ARG A 30 -0.59 -2.38 -11.73
C ARG A 30 -1.86 -1.88 -11.04
N HIS A 31 -2.14 -2.45 -9.87
CA HIS A 31 -3.32 -2.07 -9.11
C HIS A 31 -3.26 -0.60 -8.70
N LYS A 32 -2.04 -0.09 -8.53
CA LYS A 32 -1.84 1.30 -8.14
C LYS A 32 -2.23 2.25 -9.28
N LEU A 33 -1.93 1.83 -10.51
CA LEU A 33 -2.25 2.64 -11.68
C LEU A 33 -3.74 3.00 -11.71
N SER A 34 -4.56 2.08 -11.21
CA SER A 34 -6.00 2.31 -11.18
C SER A 34 -6.37 3.42 -10.22
N HIS A 35 -5.74 3.41 -9.04
CA HIS A 35 -6.01 4.42 -8.03
C HIS A 35 -5.64 5.81 -8.54
N SER A 36 -5.95 6.84 -7.75
CA SER A 36 -5.66 8.21 -8.13
C SER A 36 -4.86 8.92 -7.05
N GLY A 37 -5.43 8.98 -5.85
CA GLY A 37 -4.75 9.63 -4.74
C GLY A 37 -5.68 9.93 -3.58
N GLU A 38 -5.76 11.20 -3.20
CA GLU A 38 -6.61 11.63 -2.11
C GLU A 38 -7.83 12.39 -2.63
N LYS A 39 -8.41 11.90 -3.71
CA LYS A 39 -9.57 12.53 -4.32
C LYS A 39 -10.65 11.50 -4.65
N PRO A 40 -11.29 10.95 -3.60
CA PRO A 40 -12.34 9.94 -3.77
C PRO A 40 -13.62 10.53 -4.36
N TYR A 41 -14.56 9.66 -4.69
CA TYR A 41 -15.83 10.09 -5.27
C TYR A 41 -16.70 10.79 -4.23
N SER A 42 -17.61 11.63 -4.70
CA SER A 42 -18.51 12.36 -3.81
C SER A 42 -19.96 11.96 -4.04
N SER A 43 -20.37 11.96 -5.30
CA SER A 43 -21.74 11.59 -5.66
C SER A 43 -21.77 10.26 -6.41
N GLY A 44 -22.97 9.79 -6.72
CA GLY A 44 -23.11 8.54 -7.44
C GLY A 44 -24.27 7.70 -6.92
N PRO A 45 -25.50 8.11 -7.26
CA PRO A 45 -26.71 7.41 -6.83
C PRO A 45 -26.87 6.06 -7.51
N SER A 46 -26.16 5.86 -8.62
CA SER A 46 -26.22 4.62 -9.37
C SER A 46 -24.83 4.20 -9.86
N SER A 47 -24.41 3.00 -9.47
CA SER A 47 -23.11 2.48 -9.86
C SER A 47 -23.22 1.04 -10.35
N GLY A 48 -22.08 0.44 -10.67
CA GLY A 48 -22.05 -0.93 -11.15
C GLY A 48 -22.38 -1.93 -10.06
N GLY A 1 -1.53 3.56 30.51
CA GLY A 1 -0.39 3.75 29.64
C GLY A 1 0.57 2.58 29.68
N SER A 2 0.80 1.96 28.53
CA SER A 2 1.70 0.82 28.43
C SER A 2 2.65 0.95 27.25
N SER A 3 3.89 0.53 27.43
CA SER A 3 4.89 0.62 26.37
C SER A 3 5.08 -0.74 25.70
N GLY A 4 4.74 -0.82 24.40
CA GLY A 4 4.89 -2.05 23.68
C GLY A 4 6.21 -2.16 22.96
N SER A 5 6.49 -1.19 22.09
CA SER A 5 7.73 -1.17 21.33
C SER A 5 7.90 -2.47 20.53
N SER A 6 6.79 -3.05 20.12
CA SER A 6 6.81 -4.28 19.34
C SER A 6 6.15 -4.08 17.98
N GLY A 7 4.99 -3.44 17.97
CA GLY A 7 4.29 -3.19 16.73
C GLY A 7 3.79 -4.47 16.08
N ARG A 8 3.74 -4.50 14.75
CA ARG A 8 3.27 -5.66 14.01
C ARG A 8 3.52 -5.49 12.52
N THR A 9 3.68 -6.61 11.83
CA THR A 9 3.92 -6.58 10.38
C THR A 9 3.05 -7.61 9.66
N ARG A 10 2.90 -7.45 8.35
CA ARG A 10 2.10 -8.36 7.56
C ARG A 10 2.99 -9.30 6.74
N LYS A 11 2.48 -10.50 6.46
CA LYS A 11 3.23 -11.49 5.70
C LYS A 11 3.14 -11.20 4.20
N GLN A 12 2.07 -10.53 3.80
CA GLN A 12 1.86 -10.20 2.39
C GLN A 12 1.47 -8.73 2.24
N VAL A 13 1.20 -8.32 1.00
CA VAL A 13 0.81 -6.95 0.71
C VAL A 13 -0.69 -6.74 0.91
N ALA A 14 -1.05 -5.60 1.48
CA ALA A 14 -2.45 -5.28 1.72
C ALA A 14 -2.73 -3.81 1.42
N CYS A 15 -3.42 -3.56 0.31
CA CYS A 15 -3.75 -2.20 -0.09
C CYS A 15 -4.76 -1.59 0.87
N GLU A 16 -4.34 -0.53 1.57
CA GLU A 16 -5.21 0.15 2.53
C GLU A 16 -6.10 1.16 1.83
N ILE A 17 -5.66 1.63 0.67
CA ILE A 17 -6.43 2.60 -0.11
C ILE A 17 -7.86 2.13 -0.31
N CYS A 18 -8.01 0.88 -0.76
CA CYS A 18 -9.33 0.31 -1.00
C CYS A 18 -9.58 -0.86 -0.07
N GLY A 19 -8.55 -1.67 0.17
CA GLY A 19 -8.70 -2.82 1.05
C GLY A 19 -8.58 -4.12 0.31
N LYS A 20 -7.44 -4.34 -0.33
CA LYS A 20 -7.20 -5.57 -1.09
C LYS A 20 -5.97 -6.31 -0.56
N ILE A 21 -5.85 -7.57 -0.94
CA ILE A 21 -4.72 -8.39 -0.50
C ILE A 21 -3.96 -8.96 -1.69
N PHE A 22 -2.63 -8.89 -1.63
CA PHE A 22 -1.79 -9.41 -2.70
C PHE A 22 -0.57 -10.13 -2.14
N ARG A 23 -0.18 -11.21 -2.81
CA ARG A 23 0.98 -12.00 -2.37
C ARG A 23 2.27 -11.26 -2.67
N ASP A 24 2.43 -10.80 -3.90
CA ASP A 24 3.63 -10.08 -4.30
C ASP A 24 3.31 -8.63 -4.60
N VAL A 25 4.35 -7.81 -4.71
CA VAL A 25 4.18 -6.39 -5.00
C VAL A 25 3.89 -6.16 -6.48
N TYR A 26 4.38 -7.07 -7.32
CA TYR A 26 4.17 -6.96 -8.76
C TYR A 26 2.69 -6.77 -9.09
N HIS A 27 1.83 -7.34 -8.25
CA HIS A 27 0.40 -7.24 -8.45
C HIS A 27 -0.12 -5.89 -7.99
N LEU A 28 0.50 -5.34 -6.95
CA LEU A 28 0.11 -4.04 -6.42
C LEU A 28 0.56 -2.91 -7.34
N ASN A 29 1.63 -3.15 -8.09
CA ASN A 29 2.16 -2.15 -9.01
C ASN A 29 1.08 -1.65 -9.96
N ARG A 30 0.51 -2.58 -10.72
CA ARG A 30 -0.55 -2.23 -11.67
C ARG A 30 -1.81 -1.79 -10.95
N HIS A 31 -2.09 -2.42 -9.80
CA HIS A 31 -3.27 -2.09 -9.02
C HIS A 31 -3.22 -0.62 -8.56
N LYS A 32 -2.03 -0.09 -8.45
CA LYS A 32 -1.84 1.30 -8.02
C LYS A 32 -2.26 2.26 -9.13
N LEU A 33 -1.88 1.93 -10.36
CA LEU A 33 -2.21 2.77 -11.51
C LEU A 33 -3.71 3.01 -11.60
N SER A 34 -4.49 1.96 -11.35
CA SER A 34 -5.94 2.06 -11.41
C SER A 34 -6.45 3.14 -10.46
N HIS A 35 -5.84 3.23 -9.28
CA HIS A 35 -6.22 4.22 -8.29
C HIS A 35 -5.97 5.64 -8.80
N SER A 36 -6.79 6.58 -8.35
CA SER A 36 -6.66 7.97 -8.77
C SER A 36 -5.43 8.63 -8.14
N GLY A 37 -4.59 9.22 -8.98
CA GLY A 37 -3.39 9.87 -8.48
C GLY A 37 -3.66 11.28 -7.97
N GLU A 38 -2.70 11.83 -7.25
CA GLU A 38 -2.83 13.18 -6.70
C GLU A 38 -2.28 14.22 -7.67
N LYS A 39 -3.19 14.88 -8.38
CA LYS A 39 -2.80 15.91 -9.36
C LYS A 39 -3.61 17.18 -9.15
N PRO A 40 -3.29 17.92 -8.07
CA PRO A 40 -3.98 19.16 -7.73
C PRO A 40 -3.64 20.29 -8.71
N TYR A 41 -4.21 21.46 -8.46
CA TYR A 41 -3.97 22.61 -9.33
C TYR A 41 -3.16 23.68 -8.59
N SER A 42 -3.60 24.00 -7.37
CA SER A 42 -2.93 25.01 -6.56
C SER A 42 -2.63 24.47 -5.17
N SER A 43 -1.37 24.55 -4.76
CA SER A 43 -0.94 24.07 -3.45
C SER A 43 -1.05 25.18 -2.41
N GLY A 44 -0.67 26.39 -2.80
CA GLY A 44 -0.73 27.52 -1.89
C GLY A 44 -0.07 28.77 -2.46
N PRO A 45 0.11 29.78 -1.62
CA PRO A 45 0.73 31.06 -2.02
C PRO A 45 2.22 30.90 -2.31
N SER A 46 2.89 32.03 -2.52
CA SER A 46 4.32 32.03 -2.81
C SER A 46 5.06 33.00 -1.90
N SER A 47 6.03 32.48 -1.15
CA SER A 47 6.81 33.31 -0.23
C SER A 47 8.29 33.26 -0.58
N GLY A 48 9.05 34.19 -0.03
CA GLY A 48 10.48 34.23 -0.30
C GLY A 48 11.05 35.63 -0.16
N GLY A 1 6.85 -5.52 26.53
CA GLY A 1 5.67 -6.12 27.13
C GLY A 1 4.77 -6.79 26.11
N SER A 2 4.51 -8.08 26.32
CA SER A 2 3.66 -8.85 25.41
C SER A 2 2.84 -9.88 26.16
N SER A 3 1.85 -10.44 25.48
CA SER A 3 0.98 -11.45 26.09
C SER A 3 1.02 -12.74 25.30
N GLY A 4 0.41 -13.79 25.86
CA GLY A 4 0.38 -15.08 25.19
C GLY A 4 -0.38 -15.03 23.88
N SER A 5 -1.36 -14.14 23.79
CA SER A 5 -2.16 -14.00 22.57
C SER A 5 -2.09 -12.58 22.04
N SER A 6 -0.88 -12.14 21.69
CA SER A 6 -0.68 -10.79 21.16
C SER A 6 -1.57 -10.55 19.95
N GLY A 7 -1.30 -11.27 18.87
CA GLY A 7 -2.08 -11.12 17.66
C GLY A 7 -1.54 -11.93 16.50
N ARG A 8 -2.10 -11.73 15.32
CA ARG A 8 -1.66 -12.46 14.13
C ARG A 8 -1.20 -11.50 13.04
N THR A 9 -0.17 -11.91 12.31
CA THR A 9 0.37 -11.08 11.23
C THR A 9 0.60 -11.91 9.97
N ARG A 10 0.89 -11.22 8.87
CA ARG A 10 1.13 -11.89 7.59
C ARG A 10 2.24 -11.19 6.82
N LYS A 11 2.97 -11.97 6.01
CA LYS A 11 4.06 -11.42 5.21
C LYS A 11 3.58 -11.08 3.80
N GLN A 12 2.29 -10.83 3.66
CA GLN A 12 1.70 -10.48 2.37
C GLN A 12 1.42 -9.00 2.27
N VAL A 13 1.11 -8.53 1.07
CA VAL A 13 0.81 -7.12 0.85
C VAL A 13 -0.68 -6.84 0.98
N ALA A 14 -1.02 -5.73 1.62
CA ALA A 14 -2.41 -5.34 1.81
C ALA A 14 -2.66 -3.90 1.37
N CYS A 15 -3.48 -3.74 0.34
CA CYS A 15 -3.79 -2.40 -0.18
C CYS A 15 -4.70 -1.65 0.78
N GLU A 16 -4.12 -0.76 1.57
CA GLU A 16 -4.89 0.03 2.53
C GLU A 16 -5.73 1.09 1.82
N ILE A 17 -5.31 1.44 0.61
CA ILE A 17 -6.02 2.44 -0.18
C ILE A 17 -7.51 2.11 -0.27
N CYS A 18 -7.82 0.99 -0.90
CA CYS A 18 -9.21 0.57 -1.05
C CYS A 18 -9.51 -0.64 -0.17
N GLY A 19 -8.52 -1.51 -0.02
CA GLY A 19 -8.70 -2.71 0.81
C GLY A 19 -8.61 -3.98 0.01
N LYS A 20 -7.39 -4.36 -0.37
CA LYS A 20 -7.18 -5.58 -1.15
C LYS A 20 -6.02 -6.39 -0.59
N ILE A 21 -5.91 -7.64 -1.00
CA ILE A 21 -4.84 -8.51 -0.54
C ILE A 21 -4.03 -9.05 -1.72
N PHE A 22 -2.70 -8.98 -1.60
CA PHE A 22 -1.81 -9.46 -2.64
C PHE A 22 -0.62 -10.21 -2.04
N ARG A 23 -0.09 -11.17 -2.81
CA ARG A 23 1.04 -11.96 -2.34
C ARG A 23 2.36 -11.27 -2.71
N ASP A 24 2.39 -10.63 -3.86
CA ASP A 24 3.58 -9.93 -4.33
C ASP A 24 3.26 -8.48 -4.68
N VAL A 25 4.26 -7.61 -4.55
CA VAL A 25 4.09 -6.20 -4.85
C VAL A 25 3.86 -5.98 -6.34
N TYR A 26 4.36 -6.90 -7.15
CA TYR A 26 4.21 -6.80 -8.60
C TYR A 26 2.74 -6.72 -8.99
N HIS A 27 1.88 -7.32 -8.16
CA HIS A 27 0.45 -7.31 -8.43
C HIS A 27 -0.19 -6.00 -7.96
N LEU A 28 0.44 -5.37 -6.97
CA LEU A 28 -0.06 -4.11 -6.44
C LEU A 28 0.38 -2.93 -7.31
N ASN A 29 1.53 -3.08 -7.96
CA ASN A 29 2.07 -2.04 -8.83
C ASN A 29 1.03 -1.60 -9.85
N ARG A 30 0.49 -2.56 -10.59
CA ARG A 30 -0.51 -2.27 -11.61
C ARG A 30 -1.82 -1.82 -10.97
N HIS A 31 -2.13 -2.38 -9.81
CA HIS A 31 -3.35 -2.03 -9.09
C HIS A 31 -3.34 -0.58 -8.66
N LYS A 32 -2.14 -0.06 -8.41
CA LYS A 32 -1.99 1.34 -7.99
C LYS A 32 -2.34 2.29 -9.13
N LEU A 33 -1.97 1.92 -10.34
CA LEU A 33 -2.25 2.73 -11.52
C LEU A 33 -3.74 3.01 -11.65
N SER A 34 -4.55 1.98 -11.42
CA SER A 34 -6.00 2.12 -11.51
C SER A 34 -6.50 3.21 -10.57
N HIS A 35 -5.98 3.22 -9.35
CA HIS A 35 -6.38 4.21 -8.35
C HIS A 35 -6.19 5.63 -8.89
N SER A 36 -7.18 6.48 -8.67
CA SER A 36 -7.14 7.85 -9.14
C SER A 36 -6.73 8.80 -8.01
N GLY A 37 -5.43 8.83 -7.71
CA GLY A 37 -4.93 9.69 -6.65
C GLY A 37 -5.09 9.07 -5.28
N GLU A 38 -3.96 8.76 -4.64
CA GLU A 38 -4.00 8.16 -3.31
C GLU A 38 -4.85 8.98 -2.36
N LYS A 39 -5.24 8.36 -1.24
CA LYS A 39 -6.06 9.03 -0.24
C LYS A 39 -5.35 9.11 1.10
N PRO A 40 -4.30 9.94 1.17
CA PRO A 40 -3.50 10.13 2.39
C PRO A 40 -4.28 10.85 3.48
N TYR A 41 -3.60 11.16 4.58
CA TYR A 41 -4.23 11.86 5.70
C TYR A 41 -3.17 12.38 6.67
N SER A 42 -3.64 13.00 7.75
CA SER A 42 -2.74 13.56 8.76
C SER A 42 -2.35 12.49 9.77
N SER A 43 -1.07 12.47 10.13
CA SER A 43 -0.56 11.49 11.10
C SER A 43 -0.72 12.01 12.52
N GLY A 44 -0.27 11.21 13.48
CA GLY A 44 -0.36 11.60 14.88
C GLY A 44 0.14 10.52 15.81
N PRO A 45 1.46 10.28 15.79
CA PRO A 45 2.10 9.28 16.65
C PRO A 45 2.10 9.67 18.11
N SER A 46 2.17 10.98 18.36
CA SER A 46 2.19 11.49 19.72
C SER A 46 3.28 10.82 20.54
N SER A 47 4.36 10.43 19.88
CA SER A 47 5.47 9.78 20.55
C SER A 47 6.80 10.16 19.91
N GLY A 48 7.88 9.98 20.66
CA GLY A 48 9.21 10.31 20.14
C GLY A 48 10.32 9.70 20.96
N GLY A 1 -4.79 0.59 23.40
CA GLY A 1 -4.36 -0.78 23.16
C GLY A 1 -2.97 -1.05 23.69
N SER A 2 -2.58 -2.32 23.72
CA SER A 2 -1.26 -2.71 24.21
C SER A 2 -0.32 -3.01 23.05
N SER A 3 0.97 -3.08 23.35
CA SER A 3 1.99 -3.36 22.33
C SER A 3 2.65 -4.71 22.58
N GLY A 4 3.10 -5.35 21.50
CA GLY A 4 3.75 -6.63 21.62
C GLY A 4 3.31 -7.61 20.54
N SER A 5 4.27 -8.11 19.77
CA SER A 5 3.98 -9.05 18.69
C SER A 5 5.22 -9.85 18.32
N SER A 6 5.01 -11.11 17.97
CA SER A 6 6.12 -11.99 17.58
C SER A 6 6.47 -11.81 16.11
N GLY A 7 5.53 -12.13 15.23
CA GLY A 7 5.75 -12.01 13.82
C GLY A 7 5.63 -10.58 13.34
N ARG A 8 6.60 -9.75 13.72
CA ARG A 8 6.60 -8.34 13.32
C ARG A 8 6.80 -8.20 11.82
N THR A 9 7.47 -9.18 11.23
CA THR A 9 7.73 -9.16 9.79
C THR A 9 6.44 -9.25 8.99
N ARG A 10 6.45 -8.69 7.78
CA ARG A 10 5.28 -8.71 6.92
C ARG A 10 5.16 -10.03 6.18
N LYS A 11 3.94 -10.40 5.80
CA LYS A 11 3.69 -11.64 5.09
C LYS A 11 3.41 -11.38 3.62
N GLN A 12 2.38 -10.59 3.34
CA GLN A 12 2.00 -10.25 1.98
C GLN A 12 1.64 -8.78 1.85
N VAL A 13 1.23 -8.38 0.65
CA VAL A 13 0.84 -6.99 0.40
C VAL A 13 -0.63 -6.76 0.75
N ALA A 14 -0.91 -5.63 1.39
CA ALA A 14 -2.27 -5.30 1.78
C ALA A 14 -2.59 -3.84 1.45
N CYS A 15 -3.32 -3.63 0.37
CA CYS A 15 -3.69 -2.28 -0.06
C CYS A 15 -4.70 -1.67 0.90
N GLU A 16 -4.22 -0.78 1.77
CA GLU A 16 -5.08 -0.12 2.75
C GLU A 16 -5.91 0.97 2.09
N ILE A 17 -5.45 1.46 0.94
CA ILE A 17 -6.15 2.49 0.21
C ILE A 17 -7.61 2.13 0.00
N CYS A 18 -7.85 0.98 -0.64
CA CYS A 18 -9.20 0.52 -0.91
C CYS A 18 -9.50 -0.75 -0.12
N GLY A 19 -8.48 -1.59 0.04
CA GLY A 19 -8.65 -2.83 0.78
C GLY A 19 -8.55 -4.05 -0.11
N LYS A 20 -7.34 -4.31 -0.61
CA LYS A 20 -7.11 -5.46 -1.48
C LYS A 20 -5.81 -6.18 -1.09
N ILE A 21 -5.90 -7.50 -0.91
CA ILE A 21 -4.74 -8.29 -0.53
C ILE A 21 -4.08 -8.90 -1.77
N PHE A 22 -2.76 -8.98 -1.74
CA PHE A 22 -2.00 -9.55 -2.86
C PHE A 22 -0.76 -10.27 -2.37
N ARG A 23 -0.30 -11.25 -3.13
CA ARG A 23 0.88 -12.02 -2.77
C ARG A 23 2.10 -11.11 -2.62
N ASP A 24 2.48 -10.46 -3.71
CA ASP A 24 3.62 -9.56 -3.71
C ASP A 24 3.24 -8.19 -4.25
N VAL A 25 4.19 -7.25 -4.22
CA VAL A 25 3.96 -5.91 -4.71
C VAL A 25 3.83 -5.89 -6.23
N TYR A 26 4.43 -6.87 -6.88
CA TYR A 26 4.37 -6.97 -8.34
C TYR A 26 2.93 -6.90 -8.84
N HIS A 27 2.02 -7.43 -8.05
CA HIS A 27 0.60 -7.43 -8.42
C HIS A 27 -0.06 -6.12 -8.01
N LEU A 28 0.49 -5.48 -6.98
CA LEU A 28 -0.05 -4.21 -6.49
C LEU A 28 0.33 -3.06 -7.42
N ASN A 29 1.44 -3.23 -8.13
CA ASN A 29 1.91 -2.21 -9.05
C ASN A 29 0.80 -1.78 -10.01
N ARG A 30 0.34 -2.73 -10.83
CA ARG A 30 -0.72 -2.45 -11.79
C ARG A 30 -1.98 -1.97 -11.08
N HIS A 31 -2.19 -2.44 -9.85
CA HIS A 31 -3.36 -2.05 -9.07
C HIS A 31 -3.30 -0.57 -8.70
N LYS A 32 -2.10 -0.09 -8.42
CA LYS A 32 -1.91 1.31 -8.05
C LYS A 32 -2.22 2.24 -9.23
N LEU A 33 -2.00 1.73 -10.44
CA LEU A 33 -2.25 2.51 -11.65
C LEU A 33 -3.74 2.83 -11.78
N SER A 34 -4.58 1.92 -11.29
CA SER A 34 -6.03 2.11 -11.36
C SER A 34 -6.48 3.22 -10.41
N HIS A 35 -5.81 3.31 -9.26
CA HIS A 35 -6.14 4.32 -8.27
C HIS A 35 -5.88 5.72 -8.81
N SER A 36 -6.54 6.72 -8.22
CA SER A 36 -6.38 8.10 -8.65
C SER A 36 -5.94 8.98 -7.49
N GLY A 37 -4.75 9.58 -7.62
CA GLY A 37 -4.23 10.43 -6.58
C GLY A 37 -4.48 11.90 -6.86
N GLU A 38 -5.65 12.20 -7.42
CA GLU A 38 -6.01 13.58 -7.75
C GLU A 38 -6.04 14.44 -6.49
N LYS A 39 -4.96 15.19 -6.26
CA LYS A 39 -4.87 16.05 -5.09
C LYS A 39 -3.63 16.95 -5.17
N PRO A 40 -3.67 17.93 -6.08
CA PRO A 40 -2.56 18.87 -6.28
C PRO A 40 -2.41 19.83 -5.11
N TYR A 41 -1.22 20.42 -4.99
CA TYR A 41 -0.95 21.36 -3.91
C TYR A 41 -0.80 22.78 -4.45
N SER A 42 -0.76 23.76 -3.55
CA SER A 42 -0.63 25.16 -3.94
C SER A 42 0.61 25.78 -3.29
N SER A 43 1.67 25.93 -4.08
CA SER A 43 2.91 26.51 -3.59
C SER A 43 2.67 27.89 -3.00
N GLY A 44 3.53 28.30 -2.07
CA GLY A 44 3.39 29.60 -1.45
C GLY A 44 4.32 29.77 -0.25
N PRO A 45 4.02 29.07 0.84
CA PRO A 45 4.81 29.13 2.07
C PRO A 45 6.18 28.48 1.91
N SER A 46 7.21 29.12 2.45
CA SER A 46 8.57 28.61 2.36
C SER A 46 8.67 27.23 3.00
N SER A 47 9.87 26.66 2.97
CA SER A 47 10.10 25.33 3.54
C SER A 47 11.31 25.35 4.49
N GLY A 48 11.13 24.78 5.67
CA GLY A 48 12.21 24.74 6.64
C GLY A 48 11.71 24.61 8.07
N GLY A 1 -0.23 1.58 16.43
CA GLY A 1 -0.45 1.20 17.82
C GLY A 1 0.81 0.64 18.46
N SER A 2 1.43 -0.33 17.82
CA SER A 2 2.65 -0.95 18.34
C SER A 2 3.81 0.04 18.31
N SER A 3 4.54 0.11 19.42
CA SER A 3 5.67 1.02 19.54
C SER A 3 7.00 0.24 19.46
N GLY A 4 6.96 -1.01 19.92
CA GLY A 4 8.15 -1.83 19.90
C GLY A 4 7.86 -3.28 20.18
N SER A 5 7.13 -3.93 19.28
CA SER A 5 6.77 -5.33 19.44
C SER A 5 7.94 -6.24 19.10
N SER A 6 7.81 -7.53 19.41
CA SER A 6 8.86 -8.50 19.14
C SER A 6 8.32 -9.67 18.33
N GLY A 7 7.30 -9.40 17.51
CA GLY A 7 6.71 -10.44 16.69
C GLY A 7 5.79 -9.89 15.62
N ARG A 8 5.90 -10.41 14.41
CA ARG A 8 5.08 -9.97 13.30
C ARG A 8 5.03 -11.02 12.20
N THR A 9 3.83 -11.49 11.88
CA THR A 9 3.64 -12.50 10.85
C THR A 9 2.90 -11.94 9.65
N ARG A 10 3.57 -11.07 8.91
CA ARG A 10 2.97 -10.44 7.73
C ARG A 10 3.99 -10.34 6.59
N LYS A 11 3.68 -10.98 5.47
CA LYS A 11 4.55 -10.95 4.30
C LYS A 11 3.82 -10.44 3.07
N GLN A 12 2.62 -10.97 2.84
CA GLN A 12 1.82 -10.57 1.70
C GLN A 12 1.56 -9.06 1.71
N VAL A 13 0.93 -8.56 0.66
CA VAL A 13 0.63 -7.14 0.55
C VAL A 13 -0.86 -6.87 0.76
N ALA A 14 -1.16 -5.81 1.50
CA ALA A 14 -2.55 -5.45 1.77
C ALA A 14 -2.80 -3.98 1.45
N CYS A 15 -3.38 -3.72 0.28
CA CYS A 15 -3.67 -2.35 -0.14
C CYS A 15 -4.56 -1.65 0.88
N GLU A 16 -3.94 -0.83 1.73
CA GLU A 16 -4.69 -0.10 2.74
C GLU A 16 -5.52 1.01 2.11
N ILE A 17 -5.15 1.42 0.91
CA ILE A 17 -5.85 2.48 0.20
C ILE A 17 -7.34 2.17 0.11
N CYS A 18 -7.67 1.09 -0.60
CA CYS A 18 -9.07 0.69 -0.77
C CYS A 18 -9.35 -0.58 0.02
N GLY A 19 -8.38 -1.48 0.10
CA GLY A 19 -8.55 -2.72 0.82
C GLY A 19 -8.53 -3.94 -0.08
N LYS A 20 -7.34 -4.32 -0.54
CA LYS A 20 -7.19 -5.46 -1.42
C LYS A 20 -5.95 -6.27 -1.05
N ILE A 21 -6.11 -7.58 -0.92
CA ILE A 21 -4.99 -8.46 -0.57
C ILE A 21 -4.31 -8.98 -1.83
N PHE A 22 -2.97 -8.93 -1.83
CA PHE A 22 -2.20 -9.39 -2.96
C PHE A 22 -1.05 -10.28 -2.50
N ARG A 23 -0.43 -10.98 -3.45
CA ARG A 23 0.69 -11.87 -3.15
C ARG A 23 1.98 -11.08 -2.93
N ASP A 24 2.40 -10.37 -3.97
CA ASP A 24 3.63 -9.58 -3.90
C ASP A 24 3.37 -8.14 -4.35
N VAL A 25 4.35 -7.27 -4.14
CA VAL A 25 4.22 -5.87 -4.53
C VAL A 25 4.05 -5.73 -6.03
N TYR A 26 4.67 -6.63 -6.78
CA TYR A 26 4.58 -6.62 -8.24
C TYR A 26 3.12 -6.57 -8.70
N HIS A 27 2.26 -7.29 -7.99
CA HIS A 27 0.85 -7.34 -8.33
C HIS A 27 0.16 -6.03 -7.93
N LEU A 28 0.65 -5.41 -6.87
CA LEU A 28 0.08 -4.15 -6.39
C LEU A 28 0.43 -3.00 -7.32
N ASN A 29 1.58 -3.11 -7.99
CA ASN A 29 2.02 -2.08 -8.92
C ASN A 29 0.94 -1.76 -9.95
N ARG A 30 0.39 -2.81 -10.57
CA ARG A 30 -0.65 -2.64 -11.56
C ARG A 30 -1.95 -2.16 -10.93
N HIS A 31 -2.16 -2.54 -9.67
CA HIS A 31 -3.36 -2.16 -8.94
C HIS A 31 -3.37 -0.65 -8.68
N LYS A 32 -2.20 -0.09 -8.40
CA LYS A 32 -2.09 1.33 -8.13
C LYS A 32 -2.43 2.15 -9.37
N LEU A 33 -2.19 1.57 -10.54
CA LEU A 33 -2.49 2.24 -11.81
C LEU A 33 -3.95 2.66 -11.88
N SER A 34 -4.83 1.76 -11.45
CA SER A 34 -6.27 2.03 -11.48
C SER A 34 -6.60 3.19 -10.55
N HIS A 35 -5.99 3.22 -9.38
CA HIS A 35 -6.22 4.28 -8.40
C HIS A 35 -6.00 5.65 -9.03
N SER A 36 -4.95 5.77 -9.84
CA SER A 36 -4.63 7.03 -10.50
C SER A 36 -5.80 7.52 -11.35
N GLY A 37 -5.83 8.81 -11.61
CA GLY A 37 -6.90 9.39 -12.40
C GLY A 37 -7.52 10.60 -11.74
N GLU A 38 -8.46 10.36 -10.82
CA GLU A 38 -9.14 11.44 -10.12
C GLU A 38 -8.63 11.57 -8.69
N LYS A 39 -7.31 11.43 -8.52
CA LYS A 39 -6.69 11.53 -7.21
C LYS A 39 -5.23 11.95 -7.32
N PRO A 40 -5.01 13.23 -7.65
CA PRO A 40 -3.66 13.79 -7.80
C PRO A 40 -2.93 13.90 -6.46
N TYR A 41 -1.71 14.42 -6.50
CA TYR A 41 -0.90 14.57 -5.29
C TYR A 41 -1.08 15.97 -4.70
N SER A 42 -1.17 16.03 -3.38
CA SER A 42 -1.35 17.31 -2.69
C SER A 42 0.00 17.92 -2.33
N SER A 43 0.12 19.23 -2.53
CA SER A 43 1.35 19.93 -2.24
C SER A 43 1.37 20.42 -0.79
N GLY A 44 2.30 19.90 -0.01
CA GLY A 44 2.40 20.29 1.39
C GLY A 44 2.88 19.16 2.29
N PRO A 45 4.16 18.81 2.16
CA PRO A 45 4.77 17.73 2.96
C PRO A 45 4.89 18.09 4.43
N SER A 46 5.17 17.10 5.27
CA SER A 46 5.32 17.32 6.70
C SER A 46 6.78 17.21 7.12
N SER A 47 7.48 18.33 7.09
CA SER A 47 8.89 18.37 7.46
C SER A 47 9.05 18.44 8.98
N GLY A 48 8.99 17.28 9.63
CA GLY A 48 9.13 17.24 11.06
C GLY A 48 10.15 16.22 11.52
N GLY A 1 5.22 -13.90 36.09
CA GLY A 1 4.52 -14.18 34.86
C GLY A 1 5.32 -13.82 33.63
N SER A 2 5.92 -14.81 33.00
CA SER A 2 6.74 -14.60 31.81
C SER A 2 6.15 -15.34 30.61
N SER A 3 6.55 -14.92 29.41
CA SER A 3 6.07 -15.54 28.19
C SER A 3 7.20 -15.70 27.17
N GLY A 4 6.95 -16.51 26.14
CA GLY A 4 7.96 -16.73 25.12
C GLY A 4 7.39 -17.38 23.88
N SER A 5 6.49 -16.69 23.20
CA SER A 5 5.86 -17.20 22.00
C SER A 5 6.31 -16.42 20.77
N SER A 6 6.79 -17.14 19.76
CA SER A 6 7.27 -16.52 18.54
C SER A 6 6.08 -16.07 17.66
N GLY A 7 6.40 -15.37 16.57
CA GLY A 7 5.35 -14.91 15.68
C GLY A 7 5.82 -14.86 14.24
N ARG A 8 5.72 -16.00 13.55
CA ARG A 8 6.13 -16.08 12.15
C ARG A 8 4.95 -15.86 11.21
N THR A 9 5.00 -14.77 10.45
CA THR A 9 3.93 -14.43 9.52
C THR A 9 4.46 -14.30 8.10
N ARG A 10 3.63 -14.66 7.13
CA ARG A 10 4.02 -14.57 5.72
C ARG A 10 4.11 -13.11 5.28
N LYS A 11 5.03 -12.83 4.36
CA LYS A 11 5.22 -11.48 3.85
C LYS A 11 4.31 -11.22 2.65
N GLN A 12 3.16 -10.60 2.90
CA GLN A 12 2.21 -10.30 1.85
C GLN A 12 1.89 -8.81 1.81
N VAL A 13 1.14 -8.39 0.81
CA VAL A 13 0.76 -7.00 0.65
C VAL A 13 -0.72 -6.78 0.95
N ALA A 14 -1.04 -5.66 1.58
CA ALA A 14 -2.42 -5.34 1.91
C ALA A 14 -2.76 -3.89 1.56
N CYS A 15 -3.34 -3.70 0.38
CA CYS A 15 -3.71 -2.37 -0.08
C CYS A 15 -4.71 -1.72 0.87
N GLU A 16 -4.30 -0.62 1.50
CA GLU A 16 -5.18 0.09 2.43
C GLU A 16 -6.05 1.12 1.70
N ILE A 17 -5.55 1.59 0.56
CA ILE A 17 -6.28 2.57 -0.24
C ILE A 17 -7.71 2.10 -0.51
N CYS A 18 -7.84 0.85 -0.95
CA CYS A 18 -9.15 0.29 -1.25
C CYS A 18 -9.50 -0.83 -0.26
N GLY A 19 -8.48 -1.52 0.22
CA GLY A 19 -8.70 -2.60 1.17
C GLY A 19 -8.70 -3.96 0.50
N LYS A 20 -7.51 -4.40 0.08
CA LYS A 20 -7.37 -5.70 -0.57
C LYS A 20 -6.08 -6.38 -0.15
N ILE A 21 -5.97 -7.67 -0.45
CA ILE A 21 -4.77 -8.44 -0.11
C ILE A 21 -4.14 -9.05 -1.35
N PHE A 22 -2.82 -9.07 -1.39
CA PHE A 22 -2.09 -9.64 -2.52
C PHE A 22 -0.98 -10.56 -2.04
N ARG A 23 -0.30 -11.20 -2.99
CA ARG A 23 0.79 -12.11 -2.68
C ARG A 23 2.15 -11.43 -2.85
N ASP A 24 2.26 -10.62 -3.88
CA ASP A 24 3.50 -9.90 -4.16
C ASP A 24 3.23 -8.44 -4.47
N VAL A 25 4.30 -7.68 -4.73
CA VAL A 25 4.17 -6.27 -5.04
C VAL A 25 3.97 -6.04 -6.53
N TYR A 26 4.46 -6.98 -7.33
CA TYR A 26 4.33 -6.89 -8.78
C TYR A 26 2.88 -6.71 -9.19
N HIS A 27 1.97 -7.24 -8.39
CA HIS A 27 0.54 -7.14 -8.66
C HIS A 27 -0.02 -5.82 -8.13
N LEU A 28 0.63 -5.28 -7.11
CA LEU A 28 0.20 -4.02 -6.51
C LEU A 28 0.61 -2.83 -7.39
N ASN A 29 1.69 -3.00 -8.13
CA ASN A 29 2.18 -1.94 -9.01
C ASN A 29 1.08 -1.47 -9.97
N ARG A 30 0.63 -2.37 -10.84
CA ARG A 30 -0.42 -2.04 -11.79
C ARG A 30 -1.71 -1.69 -11.08
N HIS A 31 -1.92 -2.27 -9.90
CA HIS A 31 -3.12 -2.01 -9.12
C HIS A 31 -3.17 -0.56 -8.66
N LYS A 32 -2.00 0.01 -8.38
CA LYS A 32 -1.91 1.39 -7.93
C LYS A 32 -2.23 2.35 -9.07
N LEU A 33 -1.89 1.96 -10.30
CA LEU A 33 -2.15 2.78 -11.47
C LEU A 33 -3.65 2.97 -11.68
N SER A 34 -4.42 1.93 -11.38
CA SER A 34 -5.87 1.98 -11.54
C SER A 34 -6.48 2.99 -10.58
N HIS A 35 -5.93 3.05 -9.37
CA HIS A 35 -6.43 3.99 -8.36
C HIS A 35 -6.27 5.43 -8.82
N SER A 36 -7.03 6.33 -8.21
CA SER A 36 -6.97 7.74 -8.55
C SER A 36 -5.72 8.40 -7.96
N GLY A 37 -5.22 9.43 -8.64
CA GLY A 37 -4.04 10.12 -8.18
C GLY A 37 -4.38 11.42 -7.46
N GLU A 38 -3.46 11.86 -6.60
CA GLU A 38 -3.67 13.10 -5.85
C GLU A 38 -3.04 14.29 -6.57
N LYS A 39 -3.83 14.93 -7.43
CA LYS A 39 -3.37 16.08 -8.19
C LYS A 39 -2.83 17.16 -7.26
N PRO A 40 -2.01 18.08 -7.81
CA PRO A 40 -1.41 19.18 -7.05
C PRO A 40 -2.45 20.21 -6.62
N TYR A 41 -2.83 20.17 -5.35
CA TYR A 41 -3.81 21.11 -4.81
C TYR A 41 -3.41 22.55 -5.11
N SER A 42 -4.40 23.40 -5.30
CA SER A 42 -4.16 24.81 -5.60
C SER A 42 -3.52 25.51 -4.40
N SER A 43 -2.48 26.31 -4.68
CA SER A 43 -1.78 27.03 -3.63
C SER A 43 -2.33 28.44 -3.48
N GLY A 44 -3.13 28.65 -2.44
CA GLY A 44 -3.71 29.96 -2.20
C GLY A 44 -2.67 31.03 -1.99
N PRO A 45 -3.12 32.29 -1.88
CA PRO A 45 -2.22 33.43 -1.67
C PRO A 45 -1.59 33.43 -0.29
N SER A 46 -0.72 34.40 -0.04
CA SER A 46 -0.04 34.51 1.24
C SER A 46 -1.01 34.92 2.34
N SER A 47 -0.49 35.08 3.56
CA SER A 47 -1.32 35.47 4.70
C SER A 47 -0.52 36.30 5.69
N GLY A 48 -1.05 37.49 6.02
CA GLY A 48 -0.36 38.36 6.96
C GLY A 48 -1.33 39.27 7.69
N GLY A 1 -8.29 -15.32 17.64
CA GLY A 1 -7.65 -15.88 18.81
C GLY A 1 -7.78 -15.01 20.04
N SER A 2 -6.65 -14.53 20.55
CA SER A 2 -6.65 -13.68 21.73
C SER A 2 -6.86 -12.21 21.35
N SER A 3 -8.13 -11.83 21.21
CA SER A 3 -8.47 -10.46 20.85
C SER A 3 -7.73 -10.03 19.58
N GLY A 4 -7.91 -10.82 18.51
CA GLY A 4 -7.25 -10.50 17.25
C GLY A 4 -5.80 -10.94 17.24
N SER A 5 -5.57 -12.23 17.38
CA SER A 5 -4.21 -12.77 17.38
C SER A 5 -3.59 -12.68 15.99
N SER A 6 -2.69 -11.73 15.82
CA SER A 6 -2.02 -11.53 14.54
C SER A 6 -0.71 -10.76 14.72
N GLY A 7 0.24 -11.00 13.81
CA GLY A 7 1.52 -10.33 13.88
C GLY A 7 1.63 -9.16 12.92
N ARG A 8 2.60 -8.29 13.15
CA ARG A 8 2.81 -7.12 12.29
C ARG A 8 3.54 -7.52 11.01
N THR A 9 4.33 -8.59 11.09
CA THR A 9 5.09 -9.06 9.94
C THR A 9 4.25 -9.97 9.07
N ARG A 10 4.10 -9.61 7.79
CA ARG A 10 3.32 -10.39 6.85
C ARG A 10 4.09 -10.61 5.56
N LYS A 11 3.97 -11.81 4.99
CA LYS A 11 4.65 -12.14 3.75
C LYS A 11 3.76 -11.88 2.55
N GLN A 12 3.14 -10.70 2.53
CA GLN A 12 2.25 -10.32 1.43
C GLN A 12 1.96 -8.83 1.45
N VAL A 13 1.21 -8.36 0.46
CA VAL A 13 0.85 -6.96 0.37
C VAL A 13 -0.61 -6.74 0.72
N ALA A 14 -0.90 -5.61 1.36
CA ALA A 14 -2.26 -5.28 1.77
C ALA A 14 -2.59 -3.83 1.41
N CYS A 15 -3.36 -3.65 0.34
CA CYS A 15 -3.75 -2.32 -0.10
C CYS A 15 -4.73 -1.68 0.88
N GLU A 16 -4.27 -0.62 1.54
CA GLU A 16 -5.11 0.09 2.52
C GLU A 16 -6.04 1.08 1.82
N ILE A 17 -5.62 1.55 0.65
CA ILE A 17 -6.41 2.51 -0.11
C ILE A 17 -7.85 2.00 -0.30
N CYS A 18 -7.98 0.79 -0.81
CA CYS A 18 -9.29 0.20 -1.04
C CYS A 18 -9.58 -0.89 -0.01
N GLY A 19 -8.53 -1.61 0.39
CA GLY A 19 -8.69 -2.67 1.36
C GLY A 19 -8.73 -4.05 0.73
N LYS A 20 -7.60 -4.46 0.16
CA LYS A 20 -7.51 -5.77 -0.49
C LYS A 20 -6.16 -6.42 -0.20
N ILE A 21 -6.04 -7.70 -0.55
CA ILE A 21 -4.80 -8.44 -0.33
C ILE A 21 -4.20 -8.90 -1.65
N PHE A 22 -2.88 -8.89 -1.72
CA PHE A 22 -2.17 -9.31 -2.93
C PHE A 22 -0.98 -10.20 -2.59
N ARG A 23 -0.51 -10.95 -3.57
CA ARG A 23 0.63 -11.84 -3.37
C ARG A 23 1.89 -11.05 -3.07
N ASP A 24 2.27 -10.16 -3.98
CA ASP A 24 3.46 -9.34 -3.81
C ASP A 24 3.25 -7.95 -4.40
N VAL A 25 4.28 -7.11 -4.31
CA VAL A 25 4.21 -5.76 -4.84
C VAL A 25 4.04 -5.77 -6.36
N TYR A 26 4.52 -6.83 -6.99
CA TYR A 26 4.43 -6.96 -8.44
C TYR A 26 2.98 -6.86 -8.90
N HIS A 27 2.07 -7.40 -8.10
CA HIS A 27 0.65 -7.36 -8.44
C HIS A 27 0.02 -6.04 -8.01
N LEU A 28 0.62 -5.41 -7.01
CA LEU A 28 0.13 -4.13 -6.51
C LEU A 28 0.51 -2.99 -7.45
N ASN A 29 1.64 -3.15 -8.14
CA ASN A 29 2.11 -2.14 -9.07
C ASN A 29 1.03 -1.76 -10.08
N ARG A 30 0.45 -2.77 -10.71
CA ARG A 30 -0.61 -2.56 -11.68
C ARG A 30 -1.90 -2.08 -11.01
N HIS A 31 -2.14 -2.58 -9.81
CA HIS A 31 -3.33 -2.20 -9.06
C HIS A 31 -3.31 -0.71 -8.70
N LYS A 32 -2.10 -0.19 -8.49
CA LYS A 32 -1.94 1.22 -8.15
C LYS A 32 -2.21 2.11 -9.35
N LEU A 33 -1.85 1.63 -10.54
CA LEU A 33 -2.06 2.38 -11.77
C LEU A 33 -3.53 2.76 -11.92
N SER A 34 -4.41 1.97 -11.34
CA SER A 34 -5.84 2.22 -11.42
C SER A 34 -6.28 3.21 -10.35
N HIS A 35 -5.59 3.19 -9.22
CA HIS A 35 -5.90 4.09 -8.11
C HIS A 35 -5.51 5.53 -8.45
N SER A 36 -6.49 6.32 -8.86
CA SER A 36 -6.25 7.71 -9.23
C SER A 36 -7.56 8.48 -9.31
N GLY A 37 -7.47 9.81 -9.23
CA GLY A 37 -8.66 10.64 -9.31
C GLY A 37 -8.70 11.47 -10.57
N GLU A 38 -9.34 10.95 -11.60
CA GLU A 38 -9.45 11.65 -12.87
C GLU A 38 -10.63 12.63 -12.86
N LYS A 39 -11.83 12.10 -12.65
CA LYS A 39 -13.03 12.92 -12.62
C LYS A 39 -13.27 13.60 -13.96
N PRO A 40 -14.51 14.05 -14.19
CA PRO A 40 -14.89 14.72 -15.43
C PRO A 40 -14.28 16.11 -15.55
N TYR A 41 -13.66 16.39 -16.70
CA TYR A 41 -13.03 17.67 -16.93
C TYR A 41 -13.74 18.44 -18.05
N SER A 42 -13.54 19.75 -18.08
CA SER A 42 -14.17 20.59 -19.09
C SER A 42 -13.62 22.02 -19.02
N SER A 43 -13.23 22.56 -20.17
CA SER A 43 -12.68 23.91 -20.24
C SER A 43 -13.51 24.78 -21.17
N GLY A 44 -13.16 26.06 -21.26
CA GLY A 44 -13.88 26.98 -22.11
C GLY A 44 -13.91 28.39 -21.55
N PRO A 45 -14.66 28.59 -20.46
CA PRO A 45 -14.79 29.89 -19.80
C PRO A 45 -13.50 30.32 -19.12
N SER A 46 -12.69 31.11 -19.82
CA SER A 46 -11.43 31.58 -19.27
C SER A 46 -11.23 33.07 -19.57
N SER A 47 -10.40 33.72 -18.77
CA SER A 47 -10.14 35.15 -18.93
C SER A 47 -8.64 35.40 -19.11
N GLY A 48 -8.26 35.84 -20.32
CA GLY A 48 -6.86 36.12 -20.59
C GLY A 48 -6.58 37.60 -20.72
N GLY A 1 9.82 -13.30 29.17
CA GLY A 1 8.91 -14.25 28.58
C GLY A 1 8.99 -14.27 27.06
N SER A 2 10.03 -14.90 26.54
CA SER A 2 10.23 -14.99 25.10
C SER A 2 9.19 -15.89 24.46
N SER A 3 8.67 -15.47 23.31
CA SER A 3 7.65 -16.25 22.59
C SER A 3 8.29 -17.12 21.53
N GLY A 4 8.95 -16.50 20.56
CA GLY A 4 9.59 -17.24 19.50
C GLY A 4 9.66 -16.46 18.19
N SER A 5 8.50 -16.04 17.70
CA SER A 5 8.44 -15.28 16.46
C SER A 5 8.82 -13.82 16.69
N SER A 6 9.33 -13.18 15.64
CA SER A 6 9.76 -11.78 15.73
C SER A 6 8.55 -10.87 15.93
N GLY A 7 7.49 -11.14 15.18
CA GLY A 7 6.28 -10.32 15.30
C GLY A 7 5.56 -10.17 13.97
N ARG A 8 5.60 -8.96 13.41
CA ARG A 8 4.94 -8.69 12.14
C ARG A 8 5.75 -9.25 10.97
N THR A 9 5.16 -10.18 10.24
CA THR A 9 5.83 -10.80 9.10
C THR A 9 5.59 -9.99 7.82
N ARG A 10 4.31 -9.77 7.51
CA ARG A 10 3.94 -9.02 6.32
C ARG A 10 4.59 -9.61 5.07
N LYS A 11 4.48 -10.93 4.93
CA LYS A 11 5.06 -11.62 3.78
C LYS A 11 4.36 -11.21 2.49
N GLN A 12 3.08 -10.88 2.59
CA GLN A 12 2.31 -10.47 1.42
C GLN A 12 2.04 -8.96 1.44
N VAL A 13 1.31 -8.48 0.44
CA VAL A 13 0.98 -7.07 0.36
C VAL A 13 -0.49 -6.82 0.66
N ALA A 14 -0.78 -5.65 1.22
CA ALA A 14 -2.15 -5.28 1.55
C ALA A 14 -2.43 -3.83 1.20
N CYS A 15 -3.36 -3.62 0.27
CA CYS A 15 -3.73 -2.28 -0.16
C CYS A 15 -4.71 -1.65 0.81
N GLU A 16 -4.30 -0.56 1.46
CA GLU A 16 -5.14 0.14 2.41
C GLU A 16 -6.06 1.13 1.71
N ILE A 17 -5.63 1.60 0.54
CA ILE A 17 -6.42 2.55 -0.24
C ILE A 17 -7.84 2.04 -0.45
N CYS A 18 -7.96 0.81 -0.97
CA CYS A 18 -9.26 0.22 -1.21
C CYS A 18 -9.57 -0.86 -0.18
N GLY A 19 -8.52 -1.53 0.29
CA GLY A 19 -8.70 -2.58 1.29
C GLY A 19 -8.72 -3.96 0.66
N LYS A 20 -7.59 -4.36 0.08
CA LYS A 20 -7.49 -5.67 -0.56
C LYS A 20 -6.14 -6.32 -0.24
N ILE A 21 -6.00 -7.59 -0.59
CA ILE A 21 -4.77 -8.33 -0.34
C ILE A 21 -4.13 -8.81 -1.64
N PHE A 22 -2.81 -8.78 -1.69
CA PHE A 22 -2.08 -9.21 -2.88
C PHE A 22 -0.90 -10.10 -2.51
N ARG A 23 -0.59 -11.06 -3.37
CA ARG A 23 0.52 -11.98 -3.12
C ARG A 23 1.83 -11.21 -2.93
N ASP A 24 2.21 -10.45 -3.95
CA ASP A 24 3.44 -9.67 -3.89
C ASP A 24 3.21 -8.25 -4.38
N VAL A 25 4.27 -7.46 -4.41
CA VAL A 25 4.18 -6.07 -4.86
C VAL A 25 3.98 -5.99 -6.37
N TYR A 26 4.50 -6.99 -7.08
CA TYR A 26 4.39 -7.05 -8.53
C TYR A 26 2.93 -6.90 -8.97
N HIS A 27 2.02 -7.34 -8.10
CA HIS A 27 0.59 -7.25 -8.40
C HIS A 27 0.01 -5.91 -7.95
N LEU A 28 0.65 -5.31 -6.95
CA LEU A 28 0.20 -4.03 -6.42
C LEU A 28 0.66 -2.89 -7.32
N ASN A 29 1.76 -3.11 -8.03
CA ASN A 29 2.31 -2.10 -8.93
C ASN A 29 1.25 -1.65 -9.94
N ARG A 30 0.68 -2.60 -10.66
CA ARG A 30 -0.34 -2.30 -11.65
C ARG A 30 -1.64 -1.85 -10.99
N HIS A 31 -1.99 -2.50 -9.88
CA HIS A 31 -3.20 -2.16 -9.14
C HIS A 31 -3.23 -0.69 -8.78
N LYS A 32 -2.09 -0.17 -8.34
CA LYS A 32 -1.98 1.24 -7.96
C LYS A 32 -2.37 2.15 -9.11
N LEU A 33 -2.01 1.73 -10.33
CA LEU A 33 -2.31 2.51 -11.52
C LEU A 33 -3.82 2.77 -11.64
N SER A 34 -4.61 1.80 -11.19
CA SER A 34 -6.06 1.92 -11.23
C SER A 34 -6.56 2.98 -10.26
N HIS A 35 -5.83 3.16 -9.17
CA HIS A 35 -6.18 4.14 -8.16
C HIS A 35 -5.79 5.54 -8.59
N SER A 36 -6.43 6.55 -8.01
CA SER A 36 -6.15 7.94 -8.36
C SER A 36 -6.25 8.83 -7.12
N GLY A 37 -5.43 9.88 -7.08
CA GLY A 37 -5.43 10.79 -5.95
C GLY A 37 -4.12 11.51 -5.78
N GLU A 38 -3.93 12.59 -6.54
CA GLU A 38 -2.70 13.38 -6.46
C GLU A 38 -2.85 14.54 -5.49
N LYS A 39 -1.84 14.74 -4.65
CA LYS A 39 -1.87 15.83 -3.68
C LYS A 39 -0.97 16.98 -4.13
N PRO A 40 -1.20 18.17 -3.55
CA PRO A 40 -0.42 19.37 -3.86
C PRO A 40 1.01 19.29 -3.36
N TYR A 41 1.87 20.16 -3.87
CA TYR A 41 3.27 20.19 -3.46
C TYR A 41 3.90 21.53 -3.81
N SER A 42 4.83 21.98 -2.96
CA SER A 42 5.52 23.24 -3.18
C SER A 42 6.99 23.13 -2.79
N SER A 43 7.84 23.83 -3.53
CA SER A 43 9.28 23.82 -3.26
C SER A 43 9.86 25.23 -3.31
N GLY A 44 11.08 25.37 -2.81
CA GLY A 44 11.73 26.67 -2.80
C GLY A 44 11.97 27.21 -4.20
N PRO A 45 12.59 28.40 -4.28
CA PRO A 45 12.89 29.05 -5.56
C PRO A 45 13.96 28.30 -6.36
N SER A 46 13.98 28.54 -7.67
CA SER A 46 14.96 27.89 -8.53
C SER A 46 15.43 28.84 -9.63
N SER A 47 16.74 28.94 -9.81
CA SER A 47 17.32 29.81 -10.82
C SER A 47 16.97 29.31 -12.23
N GLY A 48 16.02 29.99 -12.86
CA GLY A 48 15.62 29.61 -14.21
C GLY A 48 14.42 30.40 -14.70
N GLY A 1 16.23 -18.86 22.11
CA GLY A 1 14.99 -18.94 21.36
C GLY A 1 14.36 -17.58 21.12
N SER A 2 13.14 -17.58 20.59
CA SER A 2 12.43 -16.34 20.31
C SER A 2 11.79 -15.78 21.57
N SER A 3 11.70 -14.45 21.64
CA SER A 3 11.12 -13.78 22.80
C SER A 3 10.01 -12.81 22.37
N GLY A 4 8.86 -13.37 22.01
CA GLY A 4 7.75 -12.54 21.59
C GLY A 4 7.02 -13.13 20.40
N SER A 5 5.73 -13.45 20.59
CA SER A 5 4.92 -14.02 19.53
C SER A 5 3.78 -13.08 19.15
N SER A 6 3.83 -12.56 17.93
CA SER A 6 2.80 -11.64 17.45
C SER A 6 2.79 -11.58 15.93
N GLY A 7 1.65 -11.18 15.36
CA GLY A 7 1.55 -11.08 13.92
C GLY A 7 1.52 -12.44 13.24
N ARG A 8 1.60 -12.45 11.92
CA ARG A 8 1.60 -13.69 11.15
C ARG A 8 2.94 -13.93 10.48
N THR A 9 3.07 -15.07 9.81
CA THR A 9 4.31 -15.42 9.12
C THR A 9 4.07 -15.62 7.63
N ARG A 10 3.28 -14.72 7.04
CA ARG A 10 2.97 -14.79 5.61
C ARG A 10 3.24 -13.46 4.93
N LYS A 11 4.49 -13.23 4.56
CA LYS A 11 4.87 -11.99 3.89
C LYS A 11 4.01 -11.74 2.66
N GLN A 12 3.10 -10.77 2.76
CA GLN A 12 2.22 -10.44 1.65
C GLN A 12 1.94 -8.94 1.60
N VAL A 13 1.20 -8.51 0.59
CA VAL A 13 0.85 -7.10 0.43
C VAL A 13 -0.61 -6.85 0.77
N ALA A 14 -0.89 -5.70 1.38
CA ALA A 14 -2.24 -5.34 1.74
C ALA A 14 -2.56 -3.90 1.36
N CYS A 15 -3.25 -3.71 0.25
CA CYS A 15 -3.61 -2.39 -0.23
C CYS A 15 -4.57 -1.71 0.74
N GLU A 16 -4.04 -0.80 1.55
CA GLU A 16 -4.86 -0.07 2.52
C GLU A 16 -5.78 0.92 1.82
N ILE A 17 -5.37 1.36 0.64
CA ILE A 17 -6.17 2.31 -0.13
C ILE A 17 -7.60 1.81 -0.32
N CYS A 18 -7.75 0.79 -1.16
CA CYS A 18 -9.07 0.21 -1.43
C CYS A 18 -9.44 -0.81 -0.36
N GLY A 19 -8.44 -1.48 0.19
CA GLY A 19 -8.68 -2.48 1.22
C GLY A 19 -8.76 -3.88 0.65
N LYS A 20 -7.63 -4.39 0.18
CA LYS A 20 -7.58 -5.74 -0.39
C LYS A 20 -6.22 -6.37 -0.16
N ILE A 21 -6.19 -7.70 -0.16
CA ILE A 21 -4.94 -8.43 0.05
C ILE A 21 -4.40 -8.98 -1.27
N PHE A 22 -3.08 -8.91 -1.44
CA PHE A 22 -2.44 -9.41 -2.65
C PHE A 22 -1.30 -10.36 -2.31
N ARG A 23 -0.65 -10.89 -3.34
CA ARG A 23 0.46 -11.82 -3.16
C ARG A 23 1.77 -11.06 -2.97
N ASP A 24 2.17 -10.32 -4.00
CA ASP A 24 3.40 -9.55 -3.94
C ASP A 24 3.20 -8.14 -4.46
N VAL A 25 4.22 -7.29 -4.33
CA VAL A 25 4.13 -5.92 -4.81
C VAL A 25 4.02 -5.86 -6.32
N TYR A 26 4.52 -6.90 -6.98
CA TYR A 26 4.48 -6.96 -8.45
C TYR A 26 3.05 -6.75 -8.95
N HIS A 27 2.08 -7.23 -8.18
CA HIS A 27 0.67 -7.10 -8.56
C HIS A 27 0.12 -5.75 -8.12
N LEU A 28 0.65 -5.23 -7.02
CA LEU A 28 0.22 -3.93 -6.49
C LEU A 28 0.66 -2.79 -7.39
N ASN A 29 1.75 -3.02 -8.13
CA ASN A 29 2.28 -2.01 -9.05
C ASN A 29 1.20 -1.53 -10.01
N ARG A 30 0.71 -2.44 -10.85
CA ARG A 30 -0.32 -2.12 -11.83
C ARG A 30 -1.63 -1.75 -11.13
N HIS A 31 -1.92 -2.44 -10.04
CA HIS A 31 -3.14 -2.18 -9.28
C HIS A 31 -3.21 -0.73 -8.83
N LYS A 32 -2.06 -0.18 -8.46
CA LYS A 32 -1.98 1.20 -8.01
C LYS A 32 -2.35 2.17 -9.13
N LEU A 33 -1.94 1.83 -10.36
CA LEU A 33 -2.23 2.66 -11.51
C LEU A 33 -3.73 2.86 -11.69
N SER A 34 -4.49 1.84 -11.33
CA SER A 34 -5.95 1.89 -11.43
C SER A 34 -6.53 2.92 -10.47
N HIS A 35 -5.93 3.01 -9.29
CA HIS A 35 -6.39 3.95 -8.26
C HIS A 35 -6.24 5.39 -8.75
N SER A 36 -7.23 6.22 -8.43
CA SER A 36 -7.21 7.62 -8.83
C SER A 36 -7.16 8.53 -7.61
N GLY A 37 -6.33 9.57 -7.68
CA GLY A 37 -6.20 10.50 -6.59
C GLY A 37 -4.87 11.24 -6.60
N GLU A 38 -4.55 11.90 -5.49
CA GLU A 38 -3.32 12.64 -5.38
C GLU A 38 -2.13 11.70 -5.19
N LYS A 39 -0.94 12.16 -5.56
CA LYS A 39 0.27 11.35 -5.44
C LYS A 39 1.13 11.86 -4.27
N PRO A 40 2.03 10.99 -3.80
CA PRO A 40 2.94 11.32 -2.69
C PRO A 40 3.98 12.36 -3.08
N TYR A 41 4.91 12.63 -2.17
CA TYR A 41 5.97 13.60 -2.42
C TYR A 41 7.35 12.93 -2.37
N SER A 42 8.34 13.61 -2.93
CA SER A 42 9.71 13.08 -2.95
C SER A 42 10.48 13.55 -1.72
N SER A 43 11.33 12.67 -1.21
CA SER A 43 12.15 12.99 -0.03
C SER A 43 13.62 12.75 -0.30
N GLY A 44 14.47 13.66 0.19
CA GLY A 44 15.89 13.53 0.00
C GLY A 44 16.55 12.65 1.05
N PRO A 45 17.82 12.31 0.82
CA PRO A 45 18.60 11.46 1.75
C PRO A 45 18.91 12.19 3.05
N SER A 46 18.87 11.44 4.16
CA SER A 46 19.15 12.01 5.47
C SER A 46 20.04 11.09 6.28
N SER A 47 20.39 11.51 7.48
CA SER A 47 21.26 10.73 8.36
C SER A 47 21.13 11.20 9.81
N GLY A 48 20.57 10.35 10.66
CA GLY A 48 20.41 10.69 12.06
C GLY A 48 21.43 10.01 12.95
N GLY A 1 13.46 -8.54 29.29
CA GLY A 1 13.08 -9.87 28.83
C GLY A 1 13.50 -10.12 27.40
N SER A 2 13.43 -11.39 26.99
CA SER A 2 13.80 -11.78 25.64
C SER A 2 12.62 -12.38 24.89
N SER A 3 11.60 -11.55 24.65
CA SER A 3 10.40 -12.00 23.95
C SER A 3 9.45 -10.84 23.70
N GLY A 4 8.94 -10.75 22.48
CA GLY A 4 8.03 -9.68 22.12
C GLY A 4 8.25 -9.16 20.73
N SER A 5 7.27 -8.46 20.19
CA SER A 5 7.36 -7.90 18.84
C SER A 5 6.93 -6.44 18.82
N SER A 6 7.78 -5.58 18.26
CA SER A 6 7.48 -4.15 18.18
C SER A 6 6.83 -3.81 16.85
N GLY A 7 7.44 -4.27 15.76
CA GLY A 7 6.91 -4.00 14.44
C GLY A 7 7.14 -5.15 13.47
N ARG A 8 7.06 -4.86 12.19
CA ARG A 8 7.25 -5.88 11.16
C ARG A 8 6.29 -7.05 11.36
N THR A 9 5.00 -6.73 11.44
CA THR A 9 3.97 -7.76 11.64
C THR A 9 3.12 -7.93 10.37
N ARG A 10 3.79 -7.94 9.23
CA ARG A 10 3.09 -8.10 7.95
C ARG A 10 4.05 -8.55 6.85
N LYS A 11 3.59 -9.48 6.03
CA LYS A 11 4.41 -10.00 4.93
C LYS A 11 3.81 -9.64 3.58
N GLN A 12 2.72 -10.33 3.22
CA GLN A 12 2.05 -10.08 1.95
C GLN A 12 1.67 -8.62 1.81
N VAL A 13 1.16 -8.24 0.64
CA VAL A 13 0.76 -6.87 0.38
C VAL A 13 -0.71 -6.65 0.74
N ALA A 14 -0.99 -5.54 1.42
CA ALA A 14 -2.36 -5.21 1.82
C ALA A 14 -2.69 -3.77 1.47
N CYS A 15 -3.34 -3.58 0.32
CA CYS A 15 -3.73 -2.24 -0.12
C CYS A 15 -4.70 -1.60 0.86
N GLU A 16 -4.16 -0.77 1.75
CA GLU A 16 -4.98 -0.09 2.75
C GLU A 16 -5.87 0.96 2.10
N ILE A 17 -5.46 1.42 0.92
CA ILE A 17 -6.22 2.44 0.19
C ILE A 17 -7.69 2.02 0.05
N CYS A 18 -7.93 1.03 -0.79
CA CYS A 18 -9.28 0.53 -1.02
C CYS A 18 -9.55 -0.73 -0.19
N GLY A 19 -8.51 -1.53 0.00
CA GLY A 19 -8.65 -2.75 0.77
C GLY A 19 -8.57 -3.99 -0.09
N LYS A 20 -7.36 -4.34 -0.52
CA LYS A 20 -7.15 -5.51 -1.36
C LYS A 20 -5.86 -6.22 -0.98
N ILE A 21 -5.94 -7.55 -0.83
CA ILE A 21 -4.78 -8.34 -0.47
C ILE A 21 -4.14 -8.99 -1.70
N PHE A 22 -2.82 -9.02 -1.73
CA PHE A 22 -2.09 -9.60 -2.85
C PHE A 22 -0.92 -10.44 -2.35
N ARG A 23 -0.25 -11.13 -3.28
CA ARG A 23 0.88 -11.97 -2.94
C ARG A 23 2.16 -11.14 -2.83
N ASP A 24 2.52 -10.47 -3.91
CA ASP A 24 3.72 -9.64 -3.93
C ASP A 24 3.39 -8.22 -4.38
N VAL A 25 4.39 -7.35 -4.38
CA VAL A 25 4.21 -5.96 -4.78
C VAL A 25 3.96 -5.86 -6.28
N TYR A 26 4.52 -6.80 -7.03
CA TYR A 26 4.35 -6.80 -8.49
C TYR A 26 2.87 -6.77 -8.86
N HIS A 27 2.04 -7.38 -8.03
CA HIS A 27 0.60 -7.41 -8.28
C HIS A 27 -0.05 -6.10 -7.85
N LEU A 28 0.54 -5.44 -6.88
CA LEU A 28 0.01 -4.17 -6.38
C LEU A 28 0.37 -3.03 -7.32
N ASN A 29 1.48 -3.17 -8.03
CA ASN A 29 1.93 -2.16 -8.97
C ASN A 29 0.81 -1.78 -9.94
N ARG A 30 0.35 -2.77 -10.71
CA ARG A 30 -0.72 -2.54 -11.67
C ARG A 30 -2.01 -2.10 -10.98
N HIS A 31 -2.20 -2.58 -9.76
CA HIS A 31 -3.39 -2.24 -8.98
C HIS A 31 -3.39 -0.76 -8.61
N LYS A 32 -2.19 -0.19 -8.46
CA LYS A 32 -2.05 1.22 -8.10
C LYS A 32 -2.37 2.11 -9.30
N LEU A 33 -1.98 1.67 -10.49
CA LEU A 33 -2.24 2.43 -11.70
C LEU A 33 -3.72 2.79 -11.82
N SER A 34 -4.58 1.95 -11.27
CA SER A 34 -6.01 2.18 -11.31
C SER A 34 -6.42 3.29 -10.35
N HIS A 35 -5.71 3.39 -9.23
CA HIS A 35 -5.99 4.41 -8.23
C HIS A 35 -5.64 5.79 -8.76
N SER A 36 -6.15 6.83 -8.09
CA SER A 36 -5.89 8.20 -8.50
C SER A 36 -4.73 8.79 -7.70
N GLY A 37 -4.05 9.75 -8.30
CA GLY A 37 -2.91 10.39 -7.63
C GLY A 37 -2.44 11.63 -8.36
N GLU A 38 -1.33 12.20 -7.89
CA GLU A 38 -0.77 13.40 -8.49
C GLU A 38 0.70 13.19 -8.84
N LYS A 39 0.96 12.62 -10.01
CA LYS A 39 2.33 12.36 -10.46
C LYS A 39 2.78 13.44 -11.43
N PRO A 40 4.11 13.57 -11.60
CA PRO A 40 4.71 14.55 -12.51
C PRO A 40 4.45 14.23 -13.97
N TYR A 41 3.63 15.05 -14.63
CA TYR A 41 3.31 14.85 -16.03
C TYR A 41 3.92 15.95 -16.90
N SER A 42 5.02 16.53 -16.42
CA SER A 42 5.69 17.59 -17.15
C SER A 42 7.17 17.27 -17.33
N SER A 43 7.72 17.65 -18.48
CA SER A 43 9.12 17.40 -18.77
C SER A 43 10.02 18.44 -18.11
N GLY A 44 11.22 18.02 -17.74
CA GLY A 44 12.15 18.92 -17.08
C GLY A 44 13.58 18.74 -17.58
N PRO A 45 14.23 17.66 -17.13
CA PRO A 45 15.61 17.35 -17.51
C PRO A 45 15.73 16.92 -18.97
N SER A 46 14.80 16.07 -19.40
CA SER A 46 14.80 15.59 -20.78
C SER A 46 13.41 15.12 -21.19
N SER A 47 13.09 15.28 -22.47
CA SER A 47 11.78 14.89 -22.99
C SER A 47 11.84 13.51 -23.61
N GLY A 48 11.46 12.49 -22.83
CA GLY A 48 11.49 11.13 -23.33
C GLY A 48 10.57 10.92 -24.52
N GLY A 1 3.67 -18.26 30.57
CA GLY A 1 3.29 -16.90 30.24
C GLY A 1 4.16 -16.31 29.15
N SER A 2 3.99 -16.82 27.92
CA SER A 2 4.77 -16.35 26.79
C SER A 2 3.94 -16.37 25.50
N SER A 3 3.94 -15.27 24.77
CA SER A 3 3.18 -15.17 23.53
C SER A 3 3.83 -16.00 22.43
N GLY A 4 5.03 -15.59 22.01
CA GLY A 4 5.73 -16.31 20.98
C GLY A 4 7.03 -15.63 20.58
N SER A 5 8.13 -16.38 20.65
CA SER A 5 9.45 -15.84 20.29
C SER A 5 9.56 -15.63 18.79
N SER A 6 9.42 -16.72 18.04
CA SER A 6 9.52 -16.66 16.58
C SER A 6 9.01 -17.95 15.95
N GLY A 7 8.11 -17.81 14.98
CA GLY A 7 7.56 -18.98 14.31
C GLY A 7 7.33 -18.74 12.82
N ARG A 8 6.36 -19.44 12.25
CA ARG A 8 6.06 -19.30 10.83
C ARG A 8 5.31 -18.01 10.56
N THR A 9 6.02 -17.03 10.00
CA THR A 9 5.42 -15.73 9.69
C THR A 9 5.66 -15.36 8.24
N ARG A 10 4.59 -15.41 7.44
CA ARG A 10 4.67 -15.08 6.02
C ARG A 10 3.94 -13.77 5.72
N LYS A 11 4.65 -12.65 5.87
CA LYS A 11 4.06 -11.34 5.61
C LYS A 11 3.60 -11.22 4.16
N GLN A 12 2.48 -10.53 3.97
CA GLN A 12 1.93 -10.34 2.62
C GLN A 12 1.65 -8.87 2.36
N VAL A 13 1.18 -8.57 1.15
CA VAL A 13 0.87 -7.20 0.76
C VAL A 13 -0.63 -6.94 0.83
N ALA A 14 -1.00 -5.79 1.39
CA ALA A 14 -2.41 -5.43 1.50
C ALA A 14 -2.62 -3.95 1.20
N CYS A 15 -3.37 -3.66 0.15
CA CYS A 15 -3.63 -2.28 -0.25
C CYS A 15 -4.38 -1.54 0.85
N GLU A 16 -3.75 -0.49 1.38
CA GLU A 16 -4.35 0.30 2.45
C GLU A 16 -5.11 1.49 1.87
N ILE A 17 -5.38 1.45 0.57
CA ILE A 17 -6.09 2.52 -0.10
C ILE A 17 -7.58 2.20 -0.21
N CYS A 18 -7.89 0.98 -0.62
CA CYS A 18 -9.28 0.56 -0.77
C CYS A 18 -9.58 -0.63 0.15
N GLY A 19 -8.64 -1.56 0.23
CA GLY A 19 -8.83 -2.73 1.08
C GLY A 19 -8.82 -4.02 0.29
N LYS A 20 -7.63 -4.47 -0.10
CA LYS A 20 -7.48 -5.71 -0.86
C LYS A 20 -6.15 -6.38 -0.57
N ILE A 21 -6.13 -7.70 -0.55
CA ILE A 21 -4.92 -8.46 -0.28
C ILE A 21 -4.30 -8.97 -1.58
N PHE A 22 -2.97 -9.03 -1.62
CA PHE A 22 -2.26 -9.49 -2.80
C PHE A 22 -1.22 -10.55 -2.42
N ARG A 23 -0.50 -11.05 -3.42
CA ARG A 23 0.52 -12.06 -3.20
C ARG A 23 1.91 -11.45 -3.20
N ASP A 24 2.09 -10.39 -3.98
CA ASP A 24 3.37 -9.70 -4.07
C ASP A 24 3.17 -8.22 -4.37
N VAL A 25 4.28 -7.50 -4.48
CA VAL A 25 4.24 -6.07 -4.76
C VAL A 25 4.11 -5.81 -6.26
N TYR A 26 4.68 -6.70 -7.05
CA TYR A 26 4.65 -6.57 -8.51
C TYR A 26 3.20 -6.48 -9.01
N HIS A 27 2.33 -7.28 -8.40
CA HIS A 27 0.92 -7.29 -8.78
C HIS A 27 0.19 -6.07 -8.23
N LEU A 28 0.71 -5.53 -7.13
CA LEU A 28 0.11 -4.36 -6.50
C LEU A 28 0.50 -3.09 -7.24
N ASN A 29 1.65 -3.11 -7.88
CA ASN A 29 2.15 -1.95 -8.63
C ASN A 29 1.14 -1.54 -9.71
N ARG A 30 0.52 -2.54 -10.34
CA ARG A 30 -0.46 -2.28 -11.39
C ARG A 30 -1.79 -1.84 -10.80
N HIS A 31 -2.05 -2.25 -9.55
CA HIS A 31 -3.29 -1.90 -8.87
C HIS A 31 -3.38 -0.39 -8.67
N LYS A 32 -2.37 0.18 -8.01
CA LYS A 32 -2.34 1.61 -7.74
C LYS A 32 -2.48 2.41 -9.03
N LEU A 33 -1.96 1.85 -10.12
CA LEU A 33 -2.04 2.51 -11.43
C LEU A 33 -3.48 2.65 -11.89
N SER A 34 -4.35 1.77 -11.40
CA SER A 34 -5.76 1.79 -11.76
C SER A 34 -6.52 2.78 -10.88
N HIS A 35 -6.07 2.94 -9.64
CA HIS A 35 -6.71 3.86 -8.71
C HIS A 35 -6.87 5.24 -9.32
N SER A 36 -7.71 6.07 -8.71
CA SER A 36 -7.95 7.42 -9.20
C SER A 36 -6.74 8.32 -8.95
N GLY A 37 -6.63 9.39 -9.73
CA GLY A 37 -5.52 10.31 -9.56
C GLY A 37 -5.46 10.90 -8.17
N GLU A 38 -4.32 11.49 -7.84
CA GLU A 38 -4.14 12.10 -6.53
C GLU A 38 -4.42 13.60 -6.57
N LYS A 39 -4.58 14.20 -5.39
CA LYS A 39 -4.86 15.63 -5.30
C LYS A 39 -4.30 16.21 -4.02
N PRO A 40 -2.96 16.27 -3.93
CA PRO A 40 -2.25 16.80 -2.76
C PRO A 40 -2.43 18.30 -2.62
N TYR A 41 -1.82 18.88 -1.58
CA TYR A 41 -1.91 20.31 -1.33
C TYR A 41 -0.61 20.84 -0.73
N SER A 42 0.09 21.66 -1.49
CA SER A 42 1.36 22.23 -1.04
C SER A 42 2.37 21.13 -0.73
N SER A 43 2.50 20.18 -1.64
CA SER A 43 3.43 19.07 -1.46
C SER A 43 4.10 18.71 -2.78
N GLY A 44 5.20 17.97 -2.70
CA GLY A 44 5.92 17.56 -3.88
C GLY A 44 6.46 16.15 -3.78
N PRO A 45 5.57 15.16 -3.83
CA PRO A 45 5.94 13.75 -3.74
C PRO A 45 6.68 13.26 -4.98
N SER A 46 7.84 12.67 -4.78
CA SER A 46 8.65 12.16 -5.88
C SER A 46 9.09 10.72 -5.63
N SER A 47 8.14 9.87 -5.27
CA SER A 47 8.43 8.47 -4.99
C SER A 47 9.19 7.83 -6.15
N GLY A 48 8.54 7.75 -7.30
CA GLY A 48 9.16 7.16 -8.47
C GLY A 48 8.65 7.75 -9.77
N GLY A 1 18.81 1.87 17.99
CA GLY A 1 17.79 0.87 17.69
C GLY A 1 17.23 0.21 18.92
N SER A 2 16.64 1.01 19.81
CA SER A 2 16.07 0.50 21.04
C SER A 2 14.59 0.19 20.86
N SER A 3 13.88 1.10 20.20
CA SER A 3 12.45 0.93 19.96
C SER A 3 12.19 0.51 18.52
N GLY A 4 12.45 -0.76 18.22
CA GLY A 4 12.24 -1.27 16.87
C GLY A 4 13.02 -2.54 16.60
N SER A 5 13.76 -2.55 15.50
CA SER A 5 14.55 -3.73 15.12
C SER A 5 13.66 -4.97 15.00
N SER A 6 12.51 -4.81 14.35
CA SER A 6 11.58 -5.90 14.18
C SER A 6 11.72 -6.52 12.79
N GLY A 7 12.12 -5.70 11.82
CA GLY A 7 12.30 -6.19 10.47
C GLY A 7 10.98 -6.54 9.80
N ARG A 8 11.03 -7.44 8.82
CA ARG A 8 9.84 -7.84 8.10
C ARG A 8 8.83 -8.50 9.04
N THR A 9 7.64 -7.94 9.11
CA THR A 9 6.59 -8.47 9.99
C THR A 9 5.48 -9.12 9.17
N ARG A 10 5.22 -8.57 7.98
CA ARG A 10 4.18 -9.09 7.11
C ARG A 10 4.75 -10.11 6.14
N LYS A 11 3.87 -10.84 5.46
CA LYS A 11 4.29 -11.86 4.50
C LYS A 11 3.85 -11.48 3.09
N GLN A 12 2.75 -10.74 2.99
CA GLN A 12 2.24 -10.29 1.70
C GLN A 12 1.83 -8.83 1.74
N VAL A 13 1.44 -8.30 0.58
CA VAL A 13 1.03 -6.90 0.49
C VAL A 13 -0.47 -6.75 0.73
N ALA A 14 -0.86 -5.63 1.33
CA ALA A 14 -2.27 -5.37 1.63
C ALA A 14 -2.61 -3.91 1.34
N CYS A 15 -3.29 -3.68 0.22
CA CYS A 15 -3.69 -2.32 -0.16
C CYS A 15 -4.69 -1.75 0.83
N GLU A 16 -4.31 -0.66 1.49
CA GLU A 16 -5.18 -0.02 2.47
C GLU A 16 -6.07 1.02 1.80
N ILE A 17 -5.61 1.56 0.68
CA ILE A 17 -6.37 2.55 -0.06
C ILE A 17 -7.79 2.07 -0.34
N CYS A 18 -7.91 0.85 -0.85
CA CYS A 18 -9.20 0.26 -1.16
C CYS A 18 -9.52 -0.89 -0.21
N GLY A 19 -8.48 -1.56 0.26
CA GLY A 19 -8.67 -2.68 1.17
C GLY A 19 -8.64 -4.02 0.45
N LYS A 20 -7.48 -4.38 -0.07
CA LYS A 20 -7.33 -5.65 -0.77
C LYS A 20 -6.02 -6.33 -0.40
N ILE A 21 -5.88 -7.59 -0.77
CA ILE A 21 -4.68 -8.36 -0.47
C ILE A 21 -3.99 -8.83 -1.75
N PHE A 22 -2.66 -8.78 -1.75
CA PHE A 22 -1.89 -9.22 -2.91
C PHE A 22 -0.68 -10.06 -2.48
N ARG A 23 -0.45 -11.15 -3.21
CA ARG A 23 0.66 -12.04 -2.91
C ARG A 23 1.97 -11.26 -2.81
N ASP A 24 2.28 -10.48 -3.85
CA ASP A 24 3.50 -9.68 -3.88
C ASP A 24 3.21 -8.27 -4.34
N VAL A 25 4.26 -7.46 -4.44
CA VAL A 25 4.12 -6.07 -4.88
C VAL A 25 3.84 -5.99 -6.38
N TYR A 26 4.27 -7.01 -7.10
CA TYR A 26 4.08 -7.04 -8.55
C TYR A 26 2.61 -6.82 -8.91
N HIS A 27 1.72 -7.35 -8.07
CA HIS A 27 0.28 -7.20 -8.29
C HIS A 27 -0.20 -5.83 -7.83
N LEU A 28 0.51 -5.26 -6.86
CA LEU A 28 0.15 -3.95 -6.32
C LEU A 28 0.52 -2.84 -7.29
N ASN A 29 1.59 -3.07 -8.06
CA ASN A 29 2.07 -2.09 -9.03
C ASN A 29 0.94 -1.68 -9.97
N ARG A 30 0.54 -2.61 -10.85
CA ARG A 30 -0.52 -2.34 -11.81
C ARG A 30 -1.82 -1.97 -11.10
N HIS A 31 -1.97 -2.45 -9.86
CA HIS A 31 -3.16 -2.17 -9.08
C HIS A 31 -3.25 -0.69 -8.71
N LYS A 32 -2.12 -0.14 -8.26
CA LYS A 32 -2.07 1.26 -7.87
C LYS A 32 -2.30 2.17 -9.08
N LEU A 33 -1.80 1.74 -10.23
CA LEU A 33 -1.96 2.51 -11.46
C LEU A 33 -3.44 2.80 -11.75
N SER A 34 -4.30 1.92 -11.25
CA SER A 34 -5.74 2.08 -11.44
C SER A 34 -6.31 3.14 -10.52
N HIS A 35 -5.85 3.13 -9.26
CA HIS A 35 -6.31 4.10 -8.27
C HIS A 35 -6.12 5.53 -8.78
N SER A 36 -7.07 6.40 -8.45
CA SER A 36 -7.01 7.80 -8.87
C SER A 36 -7.03 8.73 -7.68
N GLY A 37 -6.68 9.99 -7.91
CA GLY A 37 -6.68 10.97 -6.83
C GLY A 37 -6.75 12.39 -7.34
N GLU A 38 -7.44 13.25 -6.59
CA GLU A 38 -7.58 14.66 -6.98
C GLU A 38 -6.22 15.35 -7.03
N LYS A 39 -6.15 16.44 -7.79
CA LYS A 39 -4.92 17.20 -7.92
C LYS A 39 -5.15 18.68 -7.64
N PRO A 40 -4.07 19.41 -7.31
CA PRO A 40 -4.14 20.83 -7.02
C PRO A 40 -4.44 21.67 -8.26
N TYR A 41 -5.03 22.84 -8.05
CA TYR A 41 -5.38 23.73 -9.16
C TYR A 41 -4.12 24.35 -9.75
N SER A 42 -4.18 24.64 -11.06
CA SER A 42 -3.05 25.24 -11.75
C SER A 42 -3.49 26.45 -12.57
N SER A 43 -3.35 27.63 -11.99
CA SER A 43 -3.74 28.86 -12.66
C SER A 43 -2.52 29.55 -13.29
N GLY A 44 -2.60 29.80 -14.60
CA GLY A 44 -1.51 30.44 -15.30
C GLY A 44 -1.48 30.10 -16.77
N PRO A 45 -0.58 30.75 -17.52
CA PRO A 45 -0.43 30.53 -18.96
C PRO A 45 0.16 29.16 -19.28
N SER A 46 -0.56 28.38 -20.08
CA SER A 46 -0.11 27.05 -20.45
C SER A 46 0.48 27.05 -21.86
N SER A 47 1.79 27.27 -21.96
CA SER A 47 2.46 27.30 -23.24
C SER A 47 3.85 26.68 -23.14
N GLY A 48 4.22 25.89 -24.15
CA GLY A 48 5.52 25.25 -24.15
C GLY A 48 5.63 24.15 -23.12
#